data_9HGM
#
_entry.id   9HGM
#
_cell.length_a   71.201
_cell.length_b   97.345
_cell.length_c   125.018
_cell.angle_alpha   90.000
_cell.angle_beta   90.000
_cell.angle_gamma   90.000
#
_symmetry.space_group_name_H-M   'P 21 21 21'
#
loop_
_entity.id
_entity.type
_entity.pdbx_description
1 polymer 'tRNA (cytosine(38)-C(5))-methyltransferase'
2 non-polymer 4-ethyl-~{N}-[[1-[[(2~{R})-1-(1~{H}-indol-3-yl)-4-[[2-(methylamino)-2-oxidanylidene-ethyl]amino]-4-oxidanylidene-butan-2-yl]carbamoyl]cyclopropyl]methyl]benzamide
3 non-polymer GLYCEROL
4 water water
#
_entity_poly.entity_id   1
_entity_poly.type   'polypeptide(L)'
_entity_poly.pdbx_seq_one_letter_code
;GAMEPLRVLELYSGVGGMHHALRES(CSO)IPAQVVAAIDVNTVANEVYKYNFPHTQLLAKTIEGITLEEFDRLSFDMIL
MSPP(CSO)QPFTRIGRQGDMTDSRTNSFLHILDILPRLQKLPKYILLENVKGFEVSSTRDLLIQTIENCGFQYQEFLLS
PTSLGIPNSRLRYFLIAKLQSEPLPFQAPGQVLMEFPKIESEIHRKNQQDSDLSVKMLKDFLEDDTDVNQYLLPPKSLLR
YALLLDIVQPT(CSO)RRSVCFTKGYGSYIEGTGSVLQTAEDVQVENIYKSLTNLSQEEQITKLLILKLRYFTPKEIANL
LGFPPEFGFPEKITVKQRYRLLGNSLNVHVVAKLIKILYE
;
_entity_poly.pdbx_strand_id   A,B
#
# COMPACT_ATOMS: atom_id res chain seq x y z
N MET A 3 27.65 27.49 -15.75
CA MET A 3 28.12 26.13 -16.02
C MET A 3 27.70 25.72 -17.43
N GLU A 4 28.58 24.96 -18.09
CA GLU A 4 28.36 24.55 -19.47
C GLU A 4 27.23 23.51 -19.54
N PRO A 5 26.70 23.25 -20.74
CA PRO A 5 25.50 22.42 -20.85
C PRO A 5 25.72 21.00 -20.33
N LEU A 6 24.75 20.53 -19.54
CA LEU A 6 24.84 19.21 -18.91
C LEU A 6 24.20 18.17 -19.80
N ARG A 7 24.93 17.07 -20.03
CA ARG A 7 24.41 15.93 -20.78
C ARG A 7 23.76 14.95 -19.81
N VAL A 8 22.48 14.63 -20.01
CA VAL A 8 21.72 13.84 -19.06
C VAL A 8 21.40 12.47 -19.66
N LEU A 9 21.56 11.43 -18.84
CA LEU A 9 21.22 10.06 -19.19
C LEU A 9 19.96 9.67 -18.42
N GLU A 10 18.96 9.16 -19.14
CA GLU A 10 17.66 8.81 -18.59
C GLU A 10 17.51 7.30 -18.67
N LEU A 11 17.61 6.63 -17.53
CA LEU A 11 17.47 5.19 -17.44
C LEU A 11 16.04 4.83 -17.07
N TYR A 12 15.53 3.75 -17.64
CA TYR A 12 14.12 3.38 -17.52
C TYR A 12 13.22 4.56 -17.85
N SER A 13 13.43 5.12 -19.05
CA SER A 13 12.75 6.36 -19.44
C SER A 13 11.23 6.21 -19.33
N GLY A 14 10.68 5.10 -19.80
CA GLY A 14 9.24 4.90 -19.73
C GLY A 14 8.51 5.94 -20.54
N VAL A 15 7.54 6.61 -19.89
CA VAL A 15 6.80 7.67 -20.56
C VAL A 15 7.50 9.02 -20.47
N GLY A 16 8.70 9.08 -19.88
CA GLY A 16 9.50 10.28 -19.91
C GLY A 16 9.29 11.25 -18.76
N GLY A 17 8.80 10.80 -17.61
CA GLY A 17 8.62 11.70 -16.48
C GLY A 17 9.90 12.42 -16.10
N MET A 18 11.03 11.71 -16.11
CA MET A 18 12.31 12.35 -15.79
C MET A 18 12.62 13.46 -16.78
N HIS A 19 12.45 13.19 -18.07
CA HIS A 19 12.72 14.22 -19.08
C HIS A 19 11.80 15.42 -18.88
N HIS A 20 10.52 15.18 -18.60
CA HIS A 20 9.60 16.28 -18.35
C HIS A 20 9.97 17.05 -17.09
N ALA A 21 10.51 16.36 -16.09
CA ALA A 21 10.93 17.07 -14.89
C ALA A 21 12.16 17.92 -15.19
N LEU A 22 13.10 17.38 -15.97
CA LEU A 22 14.28 18.15 -16.32
C LEU A 22 13.91 19.46 -16.99
N ARG A 23 12.94 19.42 -17.90
CA ARG A 23 12.52 20.64 -18.59
C ARG A 23 11.88 21.62 -17.62
N GLU A 24 11.14 21.11 -16.64
CA GLU A 24 10.51 22.01 -15.68
C GLU A 24 11.52 22.59 -14.71
N SER A 25 12.64 21.92 -14.50
CA SER A 25 13.70 22.41 -13.63
C SER A 25 14.30 23.68 -14.21
N ILE A 27 16.96 24.00 -15.98
CA ILE A 27 18.41 24.01 -15.78
C ILE A 27 19.09 23.72 -17.11
N PRO A 28 20.31 24.25 -17.28
CA PRO A 28 21.07 24.01 -18.52
C PRO A 28 21.40 22.55 -18.77
N ALA A 29 20.50 21.79 -19.40
CA ALA A 29 20.74 20.38 -19.60
C ALA A 29 19.82 19.85 -20.69
N GLN A 30 20.28 18.79 -21.35
CA GLN A 30 19.50 18.08 -22.35
C GLN A 30 19.78 16.59 -22.25
N VAL A 31 18.83 15.77 -22.68
CA VAL A 31 18.95 14.32 -22.58
C VAL A 31 19.63 13.79 -23.83
N VAL A 32 20.80 13.19 -23.66
CA VAL A 32 21.53 12.65 -24.80
C VAL A 32 21.16 11.19 -25.09
N ALA A 33 20.57 10.49 -24.13
CA ALA A 33 20.23 9.08 -24.34
C ALA A 33 19.14 8.70 -23.36
N ALA A 34 18.06 8.14 -23.88
CA ALA A 34 17.00 7.54 -23.11
C ALA A 34 17.03 6.04 -23.32
N ILE A 35 16.97 5.28 -22.24
CA ILE A 35 17.20 3.85 -22.28
C ILE A 35 16.00 3.13 -21.64
N ASP A 36 15.33 2.30 -22.41
CA ASP A 36 14.25 1.46 -21.92
C ASP A 36 13.89 0.45 -23.00
N VAL A 37 13.41 -0.73 -22.55
CA VAL A 37 13.11 -1.84 -23.46
C VAL A 37 11.62 -2.03 -23.69
N ASN A 38 10.77 -1.23 -23.03
CA ASN A 38 9.32 -1.39 -23.13
C ASN A 38 8.83 -0.74 -24.43
N THR A 39 8.39 -1.57 -25.38
CA THR A 39 7.96 -1.05 -26.68
C THR A 39 6.83 -0.04 -26.51
N VAL A 40 5.84 -0.37 -25.68
CA VAL A 40 4.69 0.51 -25.51
C VAL A 40 5.13 1.85 -24.95
N ALA A 41 5.94 1.82 -23.89
CA ALA A 41 6.37 3.06 -23.27
C ALA A 41 7.20 3.89 -24.23
N ASN A 42 8.05 3.24 -25.04
CA ASN A 42 8.91 3.99 -25.94
C ASN A 42 8.09 4.70 -27.03
N GLU A 43 6.96 4.13 -27.43
CA GLU A 43 6.10 4.84 -28.36
C GLU A 43 5.59 6.14 -27.75
N VAL A 44 5.20 6.10 -26.48
CA VAL A 44 4.80 7.32 -25.81
C VAL A 44 5.98 8.28 -25.73
N TYR A 45 7.17 7.75 -25.47
CA TYR A 45 8.36 8.59 -25.36
C TYR A 45 8.69 9.25 -26.70
N LYS A 46 8.67 8.48 -27.79
CA LYS A 46 8.88 9.07 -29.10
C LYS A 46 7.85 10.14 -29.41
N TYR A 47 6.58 9.86 -29.06
CA TYR A 47 5.50 10.78 -29.43
C TYR A 47 5.70 12.16 -28.81
N ASN A 48 6.24 12.22 -27.60
CA ASN A 48 6.43 13.50 -26.91
C ASN A 48 7.82 14.07 -27.13
N PHE A 49 8.84 13.23 -27.25
CA PHE A 49 10.22 13.66 -27.44
C PHE A 49 10.76 13.05 -28.73
N PRO A 50 10.35 13.55 -29.89
CA PRO A 50 10.76 12.91 -31.15
C PRO A 50 12.23 13.10 -31.47
N HIS A 51 12.84 14.17 -30.96
CA HIS A 51 14.23 14.48 -31.25
C HIS A 51 15.16 14.10 -30.09
N THR A 52 14.82 13.06 -29.34
CA THR A 52 15.68 12.57 -28.27
C THR A 52 16.09 11.13 -28.60
N GLN A 53 17.38 10.84 -28.48
CA GLN A 53 17.88 9.49 -28.75
C GLN A 53 17.31 8.52 -27.72
N LEU A 54 16.65 7.47 -28.20
CA LEU A 54 16.04 6.46 -27.36
C LEU A 54 16.68 5.11 -27.67
N LEU A 55 17.37 4.54 -26.68
CA LEU A 55 18.07 3.26 -26.84
C LEU A 55 17.18 2.16 -26.26
N ALA A 56 16.51 1.41 -27.13
CA ALA A 56 15.64 0.32 -26.70
C ALA A 56 16.46 -0.93 -26.40
N LYS A 57 17.36 -0.79 -25.43
CA LYS A 57 18.24 -1.86 -25.01
C LYS A 57 18.18 -1.99 -23.50
N THR A 58 18.68 -3.12 -23.00
CA THR A 58 18.83 -3.27 -21.56
C THR A 58 20.07 -2.51 -21.11
N ILE A 59 20.01 -2.00 -19.88
CA ILE A 59 21.18 -1.33 -19.31
C ILE A 59 22.37 -2.27 -19.27
N GLU A 60 22.14 -3.54 -18.93
CA GLU A 60 23.23 -4.50 -18.89
C GLU A 60 23.90 -4.64 -20.25
N GLY A 61 23.18 -4.34 -21.33
CA GLY A 61 23.69 -4.51 -22.67
C GLY A 61 24.52 -3.37 -23.20
N ILE A 62 24.48 -2.22 -22.54
CA ILE A 62 25.25 -1.07 -22.96
C ILE A 62 26.64 -1.16 -22.36
N THR A 63 27.65 -1.23 -23.23
CA THR A 63 29.03 -1.42 -22.79
C THR A 63 29.58 -0.16 -22.14
N LEU A 64 30.74 -0.30 -21.50
CA LEU A 64 31.38 0.84 -20.84
C LEU A 64 31.84 1.89 -21.84
N GLU A 65 32.43 1.46 -22.96
CA GLU A 65 32.88 2.43 -23.97
C GLU A 65 31.70 3.23 -24.49
N GLU A 66 30.54 2.59 -24.62
CA GLU A 66 29.36 3.32 -25.07
C GLU A 66 28.85 4.26 -24.00
N PHE A 67 28.95 3.86 -22.72
CA PHE A 67 28.67 4.79 -21.63
C PHE A 67 29.70 5.91 -21.59
N ASP A 68 30.98 5.58 -21.80
CA ASP A 68 32.00 6.62 -21.89
C ASP A 68 31.74 7.53 -23.07
N ARG A 69 31.35 6.96 -24.21
CA ARG A 69 31.11 7.77 -25.41
C ARG A 69 29.88 8.66 -25.24
N LEU A 70 28.93 8.26 -24.38
CA LEU A 70 27.78 9.10 -24.12
C LEU A 70 28.15 10.33 -23.33
N SER A 71 29.18 10.24 -22.48
CA SER A 71 29.74 11.37 -21.75
C SER A 71 28.66 12.18 -21.02
N PHE A 72 27.93 11.47 -20.15
CA PHE A 72 26.85 12.08 -19.40
C PHE A 72 27.33 12.66 -18.07
N ASP A 73 26.77 13.81 -17.70
CA ASP A 73 27.06 14.49 -16.45
C ASP A 73 25.96 14.30 -15.41
N MET A 74 24.82 13.70 -15.78
CA MET A 74 23.71 13.53 -14.87
C MET A 74 23.00 12.22 -15.18
N ILE A 75 22.68 11.46 -14.14
CA ILE A 75 21.90 10.23 -14.25
C ILE A 75 20.54 10.47 -13.63
N LEU A 76 19.49 10.25 -14.41
CA LEU A 76 18.12 10.26 -13.91
C LEU A 76 17.56 8.86 -14.08
N MET A 77 17.09 8.25 -12.99
CA MET A 77 16.49 6.93 -13.08
C MET A 77 15.19 6.88 -12.30
N SER A 78 14.20 6.24 -12.88
CA SER A 78 12.85 6.10 -12.37
C SER A 78 12.46 4.63 -12.46
N PRO A 79 11.57 4.16 -11.59
CA PRO A 79 11.14 2.76 -11.65
C PRO A 79 10.60 2.44 -13.04
N PRO A 80 10.88 1.24 -13.55
CA PRO A 80 10.29 0.74 -14.79
C PRO A 80 8.76 0.72 -14.75
N GLN A 82 6.69 -1.30 -15.14
CA GLN A 82 6.24 -2.46 -14.36
C GLN A 82 4.84 -2.96 -14.74
N PRO A 83 4.54 -3.08 -16.04
CA PRO A 83 3.50 -4.01 -16.46
C PRO A 83 3.99 -5.43 -16.58
N PHE A 84 5.25 -5.66 -16.18
CA PHE A 84 5.94 -6.94 -16.24
C PHE A 84 6.60 -7.13 -17.61
N GLN A 90 11.57 -8.54 -25.90
CA GLN A 90 12.88 -9.12 -25.59
C GLN A 90 12.80 -10.64 -25.56
N GLY A 91 13.25 -11.28 -26.65
CA GLY A 91 13.12 -12.72 -26.75
C GLY A 91 13.88 -13.47 -25.67
N ASP A 92 15.12 -13.06 -25.40
CA ASP A 92 15.94 -13.77 -24.43
C ASP A 92 15.21 -13.86 -23.09
N MET A 93 15.10 -15.07 -22.55
CA MET A 93 14.46 -15.29 -21.25
C MET A 93 15.45 -14.94 -20.15
N THR A 94 15.23 -13.77 -19.54
CA THR A 94 16.12 -13.26 -18.50
C THR A 94 15.56 -11.99 -17.89
N ASP A 95 15.35 -11.97 -16.57
CA ASP A 95 15.04 -10.73 -15.90
C ASP A 95 16.27 -9.86 -15.88
N SER A 96 16.19 -8.68 -16.46
CA SER A 96 17.36 -7.84 -16.64
C SER A 96 17.57 -6.89 -15.47
N ARG A 97 16.66 -6.88 -14.49
CA ARG A 97 16.76 -5.89 -13.43
C ARG A 97 18.04 -6.06 -12.64
N THR A 98 18.30 -7.28 -12.15
CA THR A 98 19.49 -7.52 -11.33
C THR A 98 20.76 -7.12 -12.08
N ASN A 99 21.00 -7.74 -13.24
CA ASN A 99 22.23 -7.48 -13.97
C ASN A 99 22.34 -6.03 -14.40
N SER A 100 21.22 -5.36 -14.64
CA SER A 100 21.27 -3.94 -15.01
C SER A 100 21.73 -3.10 -13.85
N PHE A 101 21.11 -3.28 -12.68
CA PHE A 101 21.48 -2.50 -11.50
C PHE A 101 22.93 -2.74 -11.12
N LEU A 102 23.34 -4.02 -11.06
CA LEU A 102 24.74 -4.31 -10.76
C LEU A 102 25.68 -3.79 -11.85
N HIS A 103 25.23 -3.78 -13.10
CA HIS A 103 26.04 -3.22 -14.17
C HIS A 103 26.25 -1.73 -13.98
N ILE A 104 25.21 -1.02 -13.56
CA ILE A 104 25.35 0.40 -13.27
C ILE A 104 26.39 0.62 -12.19
N LEU A 105 26.32 -0.17 -11.11
CA LEU A 105 27.28 0.00 -10.02
C LEU A 105 28.70 -0.32 -10.48
N ASP A 106 28.86 -1.34 -11.33
CA ASP A 106 30.19 -1.72 -11.77
C ASP A 106 30.76 -0.77 -12.81
N ILE A 107 29.91 0.02 -13.45
CA ILE A 107 30.36 0.96 -14.48
C ILE A 107 30.78 2.29 -13.87
N LEU A 108 30.11 2.73 -12.81
CA LEU A 108 30.33 4.04 -12.20
C LEU A 108 31.81 4.31 -11.93
N PRO A 109 32.50 3.47 -11.14
CA PRO A 109 33.92 3.73 -10.87
C PRO A 109 34.79 3.66 -12.10
N ARG A 110 34.41 2.86 -13.09
CA ARG A 110 35.23 2.65 -14.28
C ARG A 110 35.01 3.73 -15.35
N LEU A 111 34.03 4.62 -15.17
CA LEU A 111 33.80 5.67 -16.15
C LEU A 111 35.00 6.60 -16.27
N GLN A 112 35.27 7.06 -17.48
CA GLN A 112 36.29 8.08 -17.67
C GLN A 112 35.87 9.41 -17.04
N LYS A 113 34.58 9.69 -17.00
CA LYS A 113 34.05 10.87 -16.33
C LYS A 113 32.92 10.44 -15.40
N LEU A 114 33.13 10.62 -14.10
CA LEU A 114 32.02 10.43 -13.17
C LEU A 114 30.96 11.48 -13.44
N PRO A 115 29.69 11.11 -13.49
CA PRO A 115 28.64 12.14 -13.54
C PRO A 115 28.68 12.99 -12.29
N LYS A 116 28.52 14.30 -12.46
CA LYS A 116 28.51 15.20 -11.30
C LYS A 116 27.21 15.10 -10.52
N TYR A 117 26.11 14.76 -11.18
CA TYR A 117 24.80 14.76 -10.55
C TYR A 117 24.14 13.41 -10.73
N ILE A 118 23.49 12.94 -9.67
CA ILE A 118 22.70 11.71 -9.70
C ILE A 118 21.38 11.97 -8.98
N LEU A 119 20.27 11.66 -9.63
CA LEU A 119 18.96 11.74 -8.99
C LEU A 119 18.17 10.49 -9.33
N LEU A 120 17.72 9.78 -8.30
CA LEU A 120 16.96 8.55 -8.45
C LEU A 120 15.61 8.71 -7.74
N GLU A 121 14.57 8.10 -8.32
CA GLU A 121 13.25 8.05 -7.73
C GLU A 121 12.84 6.60 -7.61
N ASN A 122 12.29 6.21 -6.46
CA ASN A 122 11.88 4.82 -6.23
C ASN A 122 10.69 4.84 -5.29
N VAL A 123 10.08 3.64 -5.11
CA VAL A 123 8.90 3.51 -4.27
C VAL A 123 9.29 3.60 -2.79
N LYS A 124 8.35 4.03 -1.96
CA LYS A 124 8.61 4.03 -0.53
C LYS A 124 8.90 2.62 -0.05
N GLY A 125 9.71 2.52 1.00
CA GLY A 125 10.17 1.26 1.51
C GLY A 125 11.57 0.91 1.08
N PHE A 126 11.99 1.38 -0.09
CA PHE A 126 13.35 1.12 -0.55
C PHE A 126 14.40 1.57 0.45
N GLU A 127 14.11 2.63 1.21
CA GLU A 127 15.13 3.25 2.06
C GLU A 127 15.61 2.34 3.20
N VAL A 128 15.00 1.17 3.39
CA VAL A 128 15.44 0.24 4.41
C VAL A 128 15.88 -1.10 3.83
N SER A 129 16.12 -1.14 2.52
CA SER A 129 16.44 -2.40 1.86
C SER A 129 17.94 -2.66 1.86
N SER A 130 18.31 -3.94 1.84
CA SER A 130 19.71 -4.27 1.62
C SER A 130 20.22 -3.68 0.31
N THR A 131 19.34 -3.55 -0.68
CA THR A 131 19.76 -3.00 -1.96
C THR A 131 20.21 -1.54 -1.81
N ARG A 132 19.40 -0.72 -1.12
CA ARG A 132 19.81 0.66 -0.88
C ARG A 132 21.19 0.73 -0.25
N ASP A 133 21.45 -0.16 0.72
CA ASP A 133 22.74 -0.16 1.40
C ASP A 133 23.88 -0.35 0.42
N LEU A 134 23.75 -1.34 -0.49
CA LEU A 134 24.78 -1.55 -1.49
C LEU A 134 24.88 -0.35 -2.43
N LEU A 135 23.74 0.26 -2.75
CA LEU A 135 23.75 1.46 -3.59
C LEU A 135 24.46 2.61 -2.91
N ILE A 136 24.08 2.91 -1.66
CA ILE A 136 24.71 4.00 -0.91
C ILE A 136 26.20 3.76 -0.79
N GLN A 137 26.59 2.54 -0.44
CA GLN A 137 28.00 2.19 -0.32
C GLN A 137 28.76 2.57 -1.59
N THR A 138 28.20 2.23 -2.76
CA THR A 138 28.91 2.47 -4.01
C THR A 138 29.05 3.96 -4.30
N ILE A 139 28.01 4.75 -4.05
CA ILE A 139 28.13 6.17 -4.34
C ILE A 139 28.99 6.86 -3.28
N GLU A 140 28.99 6.37 -2.05
CA GLU A 140 29.90 6.93 -1.04
C GLU A 140 31.35 6.71 -1.44
N ASN A 141 31.68 5.50 -1.87
CA ASN A 141 33.06 5.19 -2.24
C ASN A 141 33.49 5.91 -3.52
N CYS A 142 32.55 6.42 -4.30
CA CYS A 142 32.85 7.20 -5.49
C CYS A 142 32.98 8.70 -5.21
N GLY A 143 32.74 9.13 -3.99
CA GLY A 143 32.92 10.51 -3.60
C GLY A 143 31.68 11.39 -3.64
N PHE A 144 30.51 10.82 -3.89
CA PHE A 144 29.31 11.62 -3.97
C PHE A 144 28.84 12.07 -2.59
N GLN A 145 28.27 13.27 -2.53
CA GLN A 145 27.52 13.74 -1.38
C GLN A 145 26.04 13.56 -1.69
N TYR A 146 25.31 12.92 -0.78
CA TYR A 146 23.97 12.46 -1.08
C TYR A 146 23.02 12.79 0.05
N GLN A 147 21.72 12.71 -0.25
CA GLN A 147 20.66 12.90 0.74
C GLN A 147 19.40 12.25 0.21
N GLU A 148 18.75 11.43 1.02
CA GLU A 148 17.53 10.74 0.63
C GLU A 148 16.30 11.47 1.16
N PHE A 149 15.18 11.32 0.46
CA PHE A 149 13.94 11.99 0.82
C PHE A 149 12.79 11.02 0.70
N LEU A 150 11.68 11.36 1.36
CA LEU A 150 10.40 10.67 1.16
C LEU A 150 9.33 11.75 1.05
N LEU A 151 8.96 12.12 -0.17
CA LEU A 151 8.12 13.27 -0.41
C LEU A 151 6.90 12.89 -1.23
N SER A 152 5.76 13.51 -0.91
CA SER A 152 4.48 13.34 -1.59
C SER A 152 4.07 14.63 -2.30
N PRO A 153 3.35 14.56 -3.42
CA PRO A 153 3.03 15.77 -4.18
C PRO A 153 2.23 16.79 -3.38
N THR A 154 1.67 16.40 -2.23
CA THR A 154 0.91 17.36 -1.44
C THR A 154 1.81 18.44 -0.85
N SER A 155 3.10 18.13 -0.63
CA SER A 155 4.02 19.13 -0.11
C SER A 155 4.20 20.31 -1.07
N LEU A 156 3.85 20.14 -2.35
CA LEU A 156 3.90 21.21 -3.34
C LEU A 156 2.51 21.70 -3.73
N GLY A 157 1.50 21.44 -2.90
CA GLY A 157 0.16 21.91 -3.16
C GLY A 157 -0.67 21.06 -4.11
N ILE A 158 -0.16 19.94 -4.57
CA ILE A 158 -0.91 19.06 -5.48
C ILE A 158 -1.82 18.14 -4.70
N PRO A 159 -3.12 18.06 -5.04
CA PRO A 159 -4.09 17.28 -4.27
C PRO A 159 -4.05 15.77 -4.54
N ASN A 160 -2.86 15.18 -4.41
CA ASN A 160 -2.71 13.75 -4.62
C ASN A 160 -1.68 13.18 -3.66
N SER A 161 -2.04 12.09 -2.99
CA SER A 161 -1.10 11.38 -2.14
C SER A 161 -0.26 10.44 -3.01
N ARG A 162 1.05 10.52 -2.84
CA ARG A 162 1.94 9.69 -3.62
C ARG A 162 3.34 9.73 -3.04
N LEU A 163 3.50 9.19 -1.84
CA LEU A 163 4.81 9.21 -1.18
C LEU A 163 5.77 8.33 -1.96
N ARG A 164 6.93 8.87 -2.31
CA ARG A 164 7.93 8.12 -3.04
C ARG A 164 9.30 8.40 -2.45
N TYR A 165 10.27 7.57 -2.85
CA TYR A 165 11.65 7.69 -2.39
C TYR A 165 12.45 8.49 -3.41
N PHE A 166 13.35 9.34 -2.92
CA PHE A 166 14.24 10.10 -3.79
C PHE A 166 15.64 10.08 -3.20
N LEU A 167 16.64 9.90 -4.07
CA LEU A 167 18.04 10.06 -3.71
C LEU A 167 18.64 11.09 -4.65
N ILE A 168 19.23 12.14 -4.08
CA ILE A 168 19.92 13.17 -4.86
C ILE A 168 21.38 13.14 -4.45
N ALA A 169 22.26 12.98 -5.43
CA ALA A 169 23.69 12.87 -5.20
C ALA A 169 24.43 13.93 -5.99
N LYS A 170 25.56 14.39 -5.45
CA LYS A 170 26.32 15.44 -6.09
C LYS A 170 27.81 15.21 -5.83
N LEU A 171 28.60 15.18 -6.90
CA LEU A 171 30.03 14.95 -6.80
C LEU A 171 30.71 16.25 -6.37
N GLN A 172 31.08 16.33 -5.09
CA GLN A 172 31.74 17.52 -4.59
C GLN A 172 32.35 17.19 -3.23
N SER A 173 33.26 18.06 -2.80
CA SER A 173 33.95 17.87 -1.52
C SER A 173 33.07 18.30 -0.35
N GLU A 174 32.46 19.48 -0.45
CA GLU A 174 31.66 20.00 0.65
C GLU A 174 30.38 19.20 0.83
N PRO A 175 29.84 19.16 2.05
CA PRO A 175 28.54 18.51 2.26
C PRO A 175 27.40 19.40 1.80
N LEU A 176 26.28 18.77 1.50
CA LEU A 176 25.11 19.52 1.08
C LEU A 176 24.61 20.40 2.21
N PRO A 177 24.17 21.62 1.93
CA PRO A 177 23.74 22.51 3.03
C PRO A 177 22.64 21.91 3.89
N PHE A 178 21.81 21.05 3.32
CA PHE A 178 20.70 20.43 4.04
C PHE A 178 20.98 18.99 4.43
N GLN A 179 22.21 18.54 4.26
CA GLN A 179 22.53 17.13 4.47
C GLN A 179 22.27 16.73 5.92
N ALA A 180 21.44 15.70 6.09
CA ALA A 180 21.17 15.10 7.41
C ALA A 180 21.71 13.67 7.36
N PRO A 181 22.97 13.46 7.69
CA PRO A 181 23.54 12.10 7.59
C PRO A 181 22.71 11.10 8.38
N GLY A 182 22.42 9.96 7.76
CA GLY A 182 21.68 8.91 8.42
C GLY A 182 20.21 9.17 8.63
N GLN A 183 19.65 10.19 7.97
CA GLN A 183 18.23 10.49 8.08
C GLN A 183 17.63 10.62 6.69
N VAL A 184 16.34 10.26 6.60
CA VAL A 184 15.54 10.46 5.39
C VAL A 184 14.62 11.64 5.66
N LEU A 185 14.84 12.75 4.96
CA LEU A 185 14.08 13.96 5.20
C LEU A 185 12.66 13.80 4.66
N MET A 186 11.69 14.38 5.37
CA MET A 186 10.29 14.29 5.00
C MET A 186 9.73 15.61 4.49
N GLU A 187 10.57 16.63 4.32
CA GLU A 187 10.15 17.92 3.80
C GLU A 187 11.20 18.41 2.82
N PHE A 188 10.78 19.29 1.92
CA PHE A 188 11.74 19.95 1.05
C PHE A 188 12.62 20.88 1.89
N PRO A 189 13.92 20.95 1.59
CA PRO A 189 14.79 21.87 2.34
C PRO A 189 14.22 23.28 2.33
N LYS A 190 14.38 23.97 3.46
CA LYS A 190 13.85 25.32 3.59
C LYS A 190 14.91 26.37 3.25
N ASP A 204 0.65 29.77 -2.26
CA ASP A 204 1.35 29.04 -3.32
C ASP A 204 1.29 27.53 -3.05
N LEU A 205 1.91 27.11 -1.95
CA LEU A 205 1.94 25.71 -1.57
C LEU A 205 0.62 25.23 -0.97
N SER A 206 -0.35 26.13 -0.75
CA SER A 206 -1.67 25.72 -0.31
C SER A 206 -2.23 24.68 -1.26
N VAL A 207 -2.69 23.56 -0.69
CA VAL A 207 -3.14 22.43 -1.51
C VAL A 207 -4.29 22.88 -2.39
N LYS A 208 -4.14 22.72 -3.71
CA LYS A 208 -5.12 23.20 -4.66
C LYS A 208 -6.23 22.17 -4.86
N MET A 209 -7.36 22.64 -5.40
CA MET A 209 -8.49 21.78 -5.65
C MET A 209 -8.24 20.90 -6.86
N LEU A 210 -9.03 19.83 -6.97
CA LEU A 210 -8.92 18.94 -8.10
C LEU A 210 -9.54 19.51 -9.36
N LYS A 211 -10.33 20.59 -9.24
CA LYS A 211 -10.84 21.27 -10.43
C LYS A 211 -9.71 21.60 -11.40
N ASP A 212 -8.64 22.20 -10.88
CA ASP A 212 -7.52 22.71 -11.67
C ASP A 212 -6.74 21.60 -12.38
N PHE A 213 -7.10 20.33 -12.18
CA PHE A 213 -6.41 19.22 -12.83
C PHE A 213 -7.33 18.39 -13.73
N LEU A 214 -8.62 18.70 -13.75
CA LEU A 214 -9.56 17.97 -14.60
C LEU A 214 -9.55 18.55 -16.01
N GLU A 215 -9.98 17.73 -16.97
CA GLU A 215 -9.97 18.08 -18.38
C GLU A 215 -11.39 18.40 -18.84
N ASP A 216 -11.56 19.57 -19.47
CA ASP A 216 -12.89 19.97 -19.93
C ASP A 216 -13.35 19.11 -21.11
N ASP A 217 -12.42 18.71 -21.96
CA ASP A 217 -12.79 17.87 -23.10
C ASP A 217 -13.38 16.55 -22.66
N THR A 218 -12.93 16.04 -21.51
CA THR A 218 -13.29 14.72 -21.00
C THR A 218 -14.75 14.40 -21.21
N ASP A 219 -15.03 13.33 -21.95
CA ASP A 219 -16.37 12.78 -22.02
C ASP A 219 -16.70 12.19 -20.66
N VAL A 220 -17.69 12.77 -19.96
CA VAL A 220 -18.06 12.26 -18.65
C VAL A 220 -18.61 10.84 -18.77
N ASN A 221 -19.36 10.57 -19.84
CA ASN A 221 -19.66 9.20 -20.20
C ASN A 221 -18.37 8.52 -20.64
N GLN A 222 -18.46 7.23 -20.98
CA GLN A 222 -17.28 6.45 -21.33
C GLN A 222 -16.47 6.14 -20.08
N TYR A 223 -16.14 7.17 -19.30
CA TYR A 223 -15.43 6.99 -18.04
C TYR A 223 -16.37 6.86 -16.84
N LEU A 224 -17.68 7.03 -17.04
CA LEU A 224 -18.63 6.86 -15.95
C LEU A 224 -18.55 5.45 -15.38
N LEU A 225 -18.78 5.33 -14.09
CA LEU A 225 -18.66 4.03 -13.44
C LEU A 225 -19.80 3.11 -13.86
N PRO A 226 -19.52 1.88 -14.28
CA PRO A 226 -20.59 0.97 -14.72
C PRO A 226 -21.50 0.58 -13.57
N PRO A 227 -22.70 0.07 -13.86
CA PRO A 227 -23.62 -0.25 -12.76
C PRO A 227 -23.20 -1.42 -11.92
N LYS A 228 -22.72 -2.51 -12.55
CA LYS A 228 -22.32 -3.69 -11.79
C LYS A 228 -21.28 -3.35 -10.74
N SER A 229 -20.23 -2.63 -11.13
CA SER A 229 -19.18 -2.31 -10.18
C SER A 229 -19.62 -1.24 -9.18
N LEU A 230 -20.50 -0.34 -9.60
CA LEU A 230 -21.01 0.69 -8.69
C LEU A 230 -21.94 0.11 -7.64
N LEU A 231 -22.35 -1.14 -7.80
CA LEU A 231 -23.22 -1.83 -6.83
C LEU A 231 -22.42 -2.64 -5.81
N ARG A 232 -21.33 -3.26 -6.25
CA ARG A 232 -20.54 -4.11 -5.36
C ARG A 232 -19.65 -3.27 -4.45
N TYR A 233 -19.05 -2.21 -4.98
CA TYR A 233 -18.03 -1.43 -4.29
C TYR A 233 -18.46 -0.01 -3.95
N ALA A 234 -19.75 0.32 -4.05
CA ALA A 234 -20.18 1.70 -3.89
C ALA A 234 -19.72 2.27 -2.55
N LEU A 235 -19.93 1.55 -1.46
CA LEU A 235 -19.57 2.06 -0.15
C LEU A 235 -18.12 1.76 0.21
N LEU A 236 -17.42 0.92 -0.56
CA LEU A 236 -16.02 0.69 -0.39
C LEU A 236 -15.15 1.72 -1.09
N LEU A 237 -15.77 2.77 -1.62
CA LEU A 237 -15.10 3.71 -2.52
C LEU A 237 -14.69 4.99 -1.80
N ASP A 238 -13.60 5.58 -2.27
CA ASP A 238 -13.17 6.90 -1.84
C ASP A 238 -13.67 7.87 -2.91
N ILE A 239 -14.84 8.45 -2.65
CA ILE A 239 -15.51 9.31 -3.62
C ILE A 239 -15.09 10.75 -3.35
N VAL A 240 -14.51 11.39 -4.36
CA VAL A 240 -13.97 12.73 -4.25
C VAL A 240 -14.78 13.66 -5.14
N GLN A 241 -15.03 14.87 -4.65
CA GLN A 241 -15.72 15.88 -5.46
C GLN A 241 -14.75 16.94 -5.95
N PRO A 242 -15.06 17.63 -7.05
CA PRO A 242 -14.08 18.57 -7.65
C PRO A 242 -13.65 19.70 -6.74
N THR A 243 -14.38 20.00 -5.67
CA THR A 243 -13.99 21.09 -4.77
C THR A 243 -13.04 20.57 -3.67
N ARG A 245 -9.67 18.82 -1.98
CA ARG A 245 -8.25 19.09 -2.17
C ARG A 245 -7.38 17.90 -1.78
N ARG A 246 -7.79 16.69 -2.20
CA ARG A 246 -7.13 15.46 -1.77
C ARG A 246 -7.56 14.32 -2.69
N SER A 247 -6.72 13.29 -2.74
CA SER A 247 -7.01 12.04 -3.46
C SER A 247 -5.94 11.03 -3.07
N VAL A 248 -6.28 9.76 -3.31
CA VAL A 248 -5.42 8.66 -2.86
C VAL A 248 -4.44 8.26 -3.95
N CYS A 249 -3.51 7.40 -3.62
CA CYS A 249 -2.49 6.97 -4.56
C CYS A 249 -3.12 6.21 -5.71
N PHE A 250 -2.72 6.54 -6.94
CA PHE A 250 -3.16 5.82 -8.12
C PHE A 250 -2.22 4.65 -8.38
N THR A 251 -2.79 3.54 -8.83
CA THR A 251 -2.01 2.33 -9.10
C THR A 251 -2.30 1.83 -10.52
N LYS A 252 -1.48 0.88 -10.97
CA LYS A 252 -1.65 0.31 -12.31
C LYS A 252 -3.05 -0.29 -12.48
N GLY A 253 -3.60 -0.88 -11.41
CA GLY A 253 -4.90 -1.52 -11.49
C GLY A 253 -6.06 -0.57 -11.70
N TYR A 254 -5.84 0.72 -11.58
CA TYR A 254 -6.95 1.66 -11.66
C TYR A 254 -7.72 1.49 -12.97
N GLY A 255 -9.03 1.66 -12.92
CA GLY A 255 -9.87 1.44 -14.07
C GLY A 255 -10.23 -0.01 -14.32
N SER A 256 -9.50 -0.95 -13.71
CA SER A 256 -9.81 -2.38 -13.82
C SER A 256 -10.22 -2.95 -12.48
N TYR A 257 -9.32 -2.93 -11.49
CA TYR A 257 -9.63 -3.31 -10.12
C TYR A 257 -10.06 -2.04 -9.38
N ILE A 258 -11.18 -2.11 -8.68
CA ILE A 258 -11.72 -0.90 -8.08
C ILE A 258 -11.07 -0.59 -6.75
N GLU A 259 -10.89 -1.61 -5.90
CA GLU A 259 -10.49 -1.39 -4.51
C GLU A 259 -8.99 -1.20 -4.40
N GLY A 260 -8.59 -0.12 -3.72
CA GLY A 260 -7.19 0.19 -3.47
C GLY A 260 -6.45 0.84 -4.63
N THR A 261 -7.10 1.00 -5.79
CA THR A 261 -6.40 1.46 -6.98
C THR A 261 -6.46 2.97 -7.14
N GLY A 262 -7.47 3.63 -6.61
CA GLY A 262 -7.55 5.07 -6.67
C GLY A 262 -8.96 5.57 -6.37
N SER A 263 -9.04 6.87 -6.15
CA SER A 263 -10.32 7.52 -5.89
C SER A 263 -11.14 7.61 -7.18
N VAL A 264 -12.45 7.66 -7.02
CA VAL A 264 -13.37 7.87 -8.13
C VAL A 264 -13.99 9.25 -7.95
N LEU A 265 -14.34 9.89 -9.08
CA LEU A 265 -14.80 11.26 -9.10
C LEU A 265 -16.32 11.31 -9.19
N GLN A 266 -16.93 12.19 -8.37
CA GLN A 266 -18.37 12.43 -8.40
C GLN A 266 -18.61 13.72 -9.19
N THR A 267 -19.29 13.59 -10.32
CA THR A 267 -19.52 14.73 -11.21
C THR A 267 -20.88 15.40 -11.00
N ALA A 268 -21.93 14.60 -10.75
CA ALA A 268 -23.20 15.18 -10.32
C ALA A 268 -23.03 15.89 -8.99
N GLU A 269 -23.60 17.08 -8.87
CA GLU A 269 -23.37 17.94 -7.72
C GLU A 269 -24.68 18.37 -7.09
N ASP A 270 -24.57 19.04 -5.95
CA ASP A 270 -25.70 19.42 -5.13
C ASP A 270 -26.35 18.19 -4.54
N VAL A 271 -25.88 17.00 -4.91
CA VAL A 271 -26.30 15.73 -4.37
C VAL A 271 -25.29 15.34 -3.31
N GLN A 272 -25.76 15.04 -2.10
CA GLN A 272 -24.87 14.73 -1.00
C GLN A 272 -24.69 13.22 -0.91
N VAL A 273 -23.42 12.78 -0.88
CA VAL A 273 -23.10 11.36 -1.00
C VAL A 273 -23.85 10.55 0.03
N GLU A 274 -23.85 11.00 1.29
CA GLU A 274 -24.36 10.18 2.37
C GLU A 274 -25.86 9.92 2.24
N ASN A 275 -26.60 10.83 1.61
CA ASN A 275 -28.03 10.62 1.40
C ASN A 275 -28.27 9.38 0.53
N ILE A 276 -27.55 9.29 -0.59
CA ILE A 276 -27.69 8.13 -1.46
C ILE A 276 -27.35 6.85 -0.71
N TYR A 277 -26.40 6.94 0.23
CA TYR A 277 -26.08 5.79 1.08
C TYR A 277 -27.31 5.32 1.84
N LYS A 278 -27.91 6.21 2.62
CA LYS A 278 -29.06 5.82 3.44
C LYS A 278 -30.22 5.32 2.59
N SER A 279 -30.41 5.88 1.39
CA SER A 279 -31.55 5.52 0.56
C SER A 279 -31.41 4.16 -0.10
N LEU A 280 -30.21 3.55 -0.06
CA LEU A 280 -30.07 2.17 -0.52
C LEU A 280 -30.70 1.18 0.45
N THR A 281 -31.12 1.63 1.61
CA THR A 281 -31.54 0.71 2.68
C THR A 281 -32.84 0.01 2.30
N ASN A 282 -32.83 -1.31 2.39
CA ASN A 282 -33.98 -2.15 2.13
C ASN A 282 -34.44 -2.11 0.67
N LEU A 283 -33.70 -1.43 -0.20
CA LEU A 283 -34.00 -1.46 -1.62
C LEU A 283 -33.38 -2.69 -2.27
N SER A 284 -33.94 -3.06 -3.42
CA SER A 284 -33.44 -4.22 -4.15
C SER A 284 -32.18 -3.87 -4.93
N GLN A 285 -31.50 -4.90 -5.42
CA GLN A 285 -30.30 -4.72 -6.21
C GLN A 285 -30.51 -3.70 -7.33
N GLU A 286 -31.50 -3.96 -8.19
CA GLU A 286 -31.74 -3.07 -9.32
C GLU A 286 -32.19 -1.69 -8.86
N GLU A 287 -32.96 -1.62 -7.77
CA GLU A 287 -33.38 -0.32 -7.26
C GLU A 287 -32.21 0.43 -6.63
N GLN A 288 -31.28 -0.29 -5.99
CA GLN A 288 -30.07 0.35 -5.48
C GLN A 288 -29.21 0.87 -6.62
N ILE A 289 -29.00 0.04 -7.64
CA ILE A 289 -28.19 0.43 -8.80
C ILE A 289 -28.71 1.74 -9.38
N THR A 290 -30.01 1.97 -9.32
CA THR A 290 -30.59 3.15 -9.94
C THR A 290 -30.31 4.40 -9.11
N LYS A 291 -30.37 4.30 -7.78
CA LYS A 291 -30.12 5.45 -6.95
C LYS A 291 -28.66 5.88 -6.98
N LEU A 292 -27.75 4.93 -7.23
CA LEU A 292 -26.32 5.26 -7.21
C LEU A 292 -25.89 5.95 -8.50
N LEU A 293 -26.48 5.56 -9.64
CA LEU A 293 -26.16 6.23 -10.90
C LEU A 293 -26.38 7.73 -10.81
N ILE A 294 -27.23 8.17 -9.90
CA ILE A 294 -27.50 9.59 -9.72
C ILE A 294 -26.20 10.34 -9.41
N LEU A 295 -25.33 9.73 -8.61
CA LEU A 295 -24.09 10.39 -8.23
C LEU A 295 -23.20 10.70 -9.43
N LYS A 296 -23.39 9.99 -10.54
CA LYS A 296 -22.61 10.22 -11.76
C LYS A 296 -21.11 10.14 -11.47
N LEU A 297 -20.71 8.96 -10.97
CA LEU A 297 -19.31 8.72 -10.62
C LEU A 297 -18.54 8.30 -11.86
N ARG A 298 -17.46 9.00 -12.16
CA ARG A 298 -16.58 8.66 -13.27
C ARG A 298 -15.18 8.41 -12.75
N TYR A 299 -14.42 7.61 -13.49
CA TYR A 299 -13.01 7.51 -13.22
C TYR A 299 -12.30 8.80 -13.61
N PHE A 300 -11.15 9.04 -12.98
CA PHE A 300 -10.22 10.01 -13.54
C PHE A 300 -9.67 9.47 -14.86
N THR A 301 -9.55 10.34 -15.84
CA THR A 301 -9.04 9.89 -17.13
C THR A 301 -7.54 9.70 -17.05
N PRO A 302 -6.98 8.86 -17.94
CA PRO A 302 -5.52 8.69 -17.96
C PRO A 302 -4.79 10.03 -18.06
N LYS A 303 -5.30 10.95 -18.87
CA LYS A 303 -4.69 12.27 -18.97
C LYS A 303 -4.79 13.02 -17.64
N GLU A 304 -5.98 13.01 -17.04
CA GLU A 304 -6.18 13.74 -15.79
C GLU A 304 -5.21 13.25 -14.72
N ILE A 305 -4.95 11.95 -14.69
CA ILE A 305 -3.94 11.42 -13.76
C ILE A 305 -2.57 12.00 -14.10
N ALA A 306 -2.26 12.11 -15.40
CA ALA A 306 -0.98 12.71 -15.80
C ALA A 306 -0.90 14.17 -15.37
N ASN A 307 -2.02 14.89 -15.43
CA ASN A 307 -2.03 16.25 -14.91
C ASN A 307 -1.71 16.26 -13.42
N LEU A 308 -2.37 15.41 -12.64
CA LEU A 308 -2.03 15.31 -11.22
C LEU A 308 -0.58 14.87 -11.04
N LEU A 309 -0.06 14.03 -11.94
CA LEU A 309 1.34 13.65 -11.90
C LEU A 309 2.27 14.77 -12.30
N GLY A 310 1.76 15.84 -12.89
CA GLY A 310 2.58 16.98 -13.24
C GLY A 310 3.07 17.00 -14.68
N PHE A 311 2.65 16.06 -15.50
CA PHE A 311 3.08 16.08 -16.90
C PHE A 311 2.58 17.35 -17.58
N PRO A 312 3.38 17.95 -18.44
CA PRO A 312 3.03 19.25 -19.00
C PRO A 312 1.73 19.16 -19.79
N PRO A 313 1.02 20.28 -19.93
CA PRO A 313 -0.20 20.27 -20.76
C PRO A 313 -0.01 19.64 -22.13
N GLU A 314 1.19 19.75 -22.70
CA GLU A 314 1.42 19.16 -24.01
C GLU A 314 1.56 17.64 -23.97
N PHE A 315 1.59 17.03 -22.80
CA PHE A 315 1.78 15.58 -22.73
C PHE A 315 0.53 14.85 -23.20
N GLY A 316 0.71 13.89 -24.12
CA GLY A 316 -0.37 13.06 -24.59
C GLY A 316 0.16 11.73 -25.10
N PHE A 317 -0.76 10.81 -25.34
CA PHE A 317 -0.44 9.48 -25.83
C PHE A 317 -0.70 9.38 -27.33
N PRO A 318 -0.05 8.43 -28.00
CA PRO A 318 -0.51 8.04 -29.33
C PRO A 318 -1.88 7.39 -29.24
N GLU A 319 -2.71 7.61 -30.27
CA GLU A 319 -4.06 7.08 -30.21
C GLU A 319 -4.06 5.55 -30.14
N LYS A 320 -3.06 4.90 -30.74
CA LYS A 320 -3.02 3.44 -30.71
C LYS A 320 -2.87 2.88 -29.31
N ILE A 321 -2.54 3.71 -28.32
CA ILE A 321 -2.41 3.25 -26.95
C ILE A 321 -3.80 3.13 -26.35
N THR A 322 -4.17 1.91 -25.93
CA THR A 322 -5.47 1.71 -25.32
C THR A 322 -5.53 2.42 -23.97
N VAL A 323 -6.76 2.76 -23.56
CA VAL A 323 -6.93 3.41 -22.27
C VAL A 323 -6.44 2.51 -21.14
N LYS A 324 -6.60 1.20 -21.29
CA LYS A 324 -6.06 0.27 -20.32
C LYS A 324 -4.54 0.37 -20.25
N GLN A 325 -3.88 0.38 -21.41
CA GLN A 325 -2.43 0.52 -21.44
C GLN A 325 -2.01 1.87 -20.86
N ARG A 326 -2.76 2.93 -21.16
CA ARG A 326 -2.43 4.24 -20.60
C ARG A 326 -2.46 4.23 -19.09
N TYR A 327 -3.43 3.51 -18.50
CA TYR A 327 -3.55 3.45 -17.04
C TYR A 327 -2.36 2.72 -16.43
N ARG A 328 -2.00 1.56 -16.97
CA ARG A 328 -0.86 0.83 -16.43
C ARG A 328 0.42 1.64 -16.55
N LEU A 329 0.59 2.34 -17.68
CA LEU A 329 1.83 3.07 -17.92
C LEU A 329 2.03 4.22 -16.95
N LEU A 330 0.97 4.70 -16.29
CA LEU A 330 1.08 5.77 -15.33
C LEU A 330 1.07 5.28 -13.88
N GLY A 331 0.66 4.03 -13.64
CA GLY A 331 0.49 3.56 -12.26
C GLY A 331 1.75 3.67 -11.43
N ASN A 332 2.91 3.36 -12.02
CA ASN A 332 4.18 3.38 -11.30
C ASN A 332 5.00 4.63 -11.63
N SER A 333 4.39 5.65 -12.25
CA SER A 333 5.13 6.82 -12.68
C SER A 333 5.51 7.72 -11.51
N LEU A 334 6.61 8.43 -11.67
CA LEU A 334 7.02 9.47 -10.72
C LEU A 334 6.15 10.71 -10.89
N ASN A 335 6.35 11.67 -9.98
CA ASN A 335 5.64 12.96 -10.06
C ASN A 335 6.61 14.02 -10.59
N VAL A 336 6.31 14.54 -11.79
CA VAL A 336 7.23 15.46 -12.45
C VAL A 336 7.52 16.67 -11.58
N HIS A 337 6.51 17.17 -10.88
CA HIS A 337 6.69 18.42 -10.14
C HIS A 337 7.66 18.24 -8.97
N VAL A 338 7.50 17.16 -8.21
CA VAL A 338 8.37 16.94 -7.05
C VAL A 338 9.81 16.72 -7.51
N VAL A 339 10.00 15.90 -8.55
CA VAL A 339 11.35 15.66 -9.04
C VAL A 339 11.96 16.96 -9.54
N ALA A 340 11.17 17.78 -10.23
CA ALA A 340 11.71 18.99 -10.82
C ALA A 340 12.28 19.91 -9.75
N LYS A 341 11.60 20.03 -8.61
CA LYS A 341 12.13 20.87 -7.53
C LYS A 341 13.45 20.34 -7.01
N LEU A 342 13.57 19.01 -6.88
CA LEU A 342 14.82 18.42 -6.40
C LEU A 342 15.94 18.61 -7.40
N ILE A 343 15.63 18.51 -8.70
CA ILE A 343 16.64 18.80 -9.72
C ILE A 343 17.18 20.22 -9.55
N LYS A 344 16.29 21.18 -9.30
CA LYS A 344 16.75 22.54 -9.03
C LYS A 344 17.61 22.60 -7.78
N ILE A 345 17.10 22.03 -6.69
CA ILE A 345 17.86 21.99 -5.43
C ILE A 345 19.25 21.42 -5.66
N LEU A 346 19.35 20.37 -6.49
CA LEU A 346 20.64 19.76 -6.72
C LEU A 346 21.56 20.68 -7.50
N TYR A 347 21.09 21.22 -8.62
CA TYR A 347 21.93 22.11 -9.43
C TYR A 347 22.31 23.37 -8.68
N GLU A 348 21.46 23.81 -7.75
CA GLU A 348 21.70 24.99 -6.94
C GLU A 348 21.56 26.25 -7.78
N MET B 3 -20.51 -10.45 38.58
CA MET B 3 -21.94 -10.20 38.73
C MET B 3 -22.57 -9.74 37.41
N GLU B 4 -21.78 -9.07 36.58
CA GLU B 4 -22.27 -8.46 35.33
C GLU B 4 -21.29 -8.74 34.21
N PRO B 5 -21.23 -9.98 33.72
CA PRO B 5 -20.35 -10.28 32.58
C PRO B 5 -20.95 -9.77 31.28
N LEU B 6 -20.09 -9.18 30.45
CA LEU B 6 -20.57 -8.55 29.21
C LEU B 6 -20.86 -9.61 28.14
N ARG B 7 -21.98 -9.44 27.44
CA ARG B 7 -22.33 -10.27 26.29
C ARG B 7 -21.84 -9.60 25.02
N VAL B 8 -20.95 -10.27 24.29
CA VAL B 8 -20.23 -9.69 23.17
C VAL B 8 -20.75 -10.27 21.87
N LEU B 9 -20.98 -9.40 20.88
CA LEU B 9 -21.36 -9.80 19.53
C LEU B 9 -20.19 -9.55 18.59
N GLU B 10 -19.76 -10.59 17.88
CA GLU B 10 -18.59 -10.55 17.03
C GLU B 10 -19.04 -10.62 15.57
N LEU B 11 -18.98 -9.50 14.87
CA LEU B 11 -19.38 -9.42 13.47
C LEU B 11 -18.18 -9.67 12.56
N TYR B 12 -18.40 -10.43 11.49
CA TYR B 12 -17.33 -10.90 10.61
C TYR B 12 -16.22 -11.54 11.45
N SER B 13 -16.59 -12.61 12.16
CA SER B 13 -15.65 -13.25 13.09
C SER B 13 -14.43 -13.81 12.36
N GLY B 14 -14.62 -14.31 11.15
CA GLY B 14 -13.48 -14.80 10.38
C GLY B 14 -12.74 -15.88 11.12
N VAL B 15 -11.45 -15.64 11.37
CA VAL B 15 -10.62 -16.59 12.12
C VAL B 15 -10.51 -16.20 13.60
N GLY B 16 -11.35 -15.28 14.06
CA GLY B 16 -11.47 -15.02 15.50
C GLY B 16 -10.45 -14.10 16.11
N GLY B 17 -9.95 -13.10 15.35
CA GLY B 17 -9.03 -12.15 15.93
C GLY B 17 -9.65 -11.31 17.03
N MET B 18 -10.86 -10.81 16.79
CA MET B 18 -11.55 -10.03 17.83
C MET B 18 -11.73 -10.85 19.10
N HIS B 19 -12.29 -12.05 18.97
CA HIS B 19 -12.47 -12.93 20.11
C HIS B 19 -11.17 -13.12 20.89
N HIS B 20 -10.07 -13.37 20.17
CA HIS B 20 -8.79 -13.52 20.85
C HIS B 20 -8.39 -12.24 21.56
N ALA B 21 -8.63 -11.08 20.94
CA ALA B 21 -8.36 -9.83 21.61
C ALA B 21 -9.22 -9.72 22.87
N LEU B 22 -10.48 -10.14 22.79
CA LEU B 22 -11.35 -10.10 23.95
C LEU B 22 -10.71 -10.82 25.14
N ARG B 23 -10.16 -12.01 24.88
CA ARG B 23 -9.58 -12.80 25.96
C ARG B 23 -8.32 -12.15 26.50
N GLU B 24 -7.48 -11.60 25.63
CA GLU B 24 -6.24 -11.01 26.12
C GLU B 24 -6.50 -9.77 26.95
N SER B 25 -7.62 -9.09 26.72
CA SER B 25 -7.95 -7.89 27.47
C SER B 25 -8.25 -8.25 28.91
N ILE B 27 -11.00 -8.75 30.27
CA ILE B 27 -12.18 -8.04 30.76
C ILE B 27 -13.31 -9.05 30.91
N PRO B 28 -14.23 -8.79 31.84
CA PRO B 28 -15.37 -9.69 32.04
C PRO B 28 -16.33 -9.65 30.87
N ALA B 29 -16.19 -10.60 29.94
CA ALA B 29 -17.01 -10.60 28.74
C ALA B 29 -16.95 -11.99 28.11
N GLN B 30 -17.88 -12.24 27.18
CA GLN B 30 -17.90 -13.50 26.47
C GLN B 30 -18.67 -13.33 25.17
N VAL B 31 -18.23 -14.08 24.16
CA VAL B 31 -18.80 -13.97 22.81
C VAL B 31 -20.11 -14.74 22.80
N VAL B 32 -21.23 -14.02 22.73
CA VAL B 32 -22.52 -14.69 22.66
C VAL B 32 -22.79 -15.22 21.27
N ALA B 33 -22.18 -14.62 20.25
CA ALA B 33 -22.50 -14.99 18.89
C ALA B 33 -21.39 -14.51 17.96
N ALA B 34 -21.00 -15.39 17.05
CA ALA B 34 -20.11 -15.06 15.94
C ALA B 34 -20.89 -15.18 14.65
N ILE B 35 -20.72 -14.18 13.77
CA ILE B 35 -21.44 -14.10 12.51
C ILE B 35 -20.42 -14.03 11.39
N ASP B 36 -20.44 -15.03 10.50
CA ASP B 36 -19.61 -14.99 9.31
C ASP B 36 -20.06 -16.09 8.37
N VAL B 37 -20.07 -15.79 7.06
CA VAL B 37 -20.51 -16.76 6.06
C VAL B 37 -19.37 -17.54 5.44
N ASN B 38 -18.13 -17.21 5.75
CA ASN B 38 -16.97 -17.86 5.12
C ASN B 38 -16.81 -19.26 5.71
N THR B 39 -17.08 -20.29 4.91
CA THR B 39 -17.02 -21.67 5.40
C THR B 39 -15.61 -22.03 5.86
N VAL B 40 -14.59 -21.61 5.12
CA VAL B 40 -13.22 -21.95 5.48
C VAL B 40 -12.80 -21.22 6.75
N ALA B 41 -13.14 -19.94 6.86
CA ALA B 41 -12.82 -19.20 8.08
C ALA B 41 -13.53 -19.82 9.27
N ASN B 42 -14.81 -20.14 9.12
CA ASN B 42 -15.57 -20.69 10.24
C ASN B 42 -14.94 -21.99 10.73
N GLU B 43 -14.44 -22.81 9.82
CA GLU B 43 -13.70 -24.00 10.23
C GLU B 43 -12.55 -23.64 11.17
N VAL B 44 -11.75 -22.65 10.78
CA VAL B 44 -10.67 -22.18 11.65
C VAL B 44 -11.23 -21.69 12.97
N TYR B 45 -12.41 -21.06 12.93
CA TYR B 45 -12.99 -20.50 14.15
C TYR B 45 -13.38 -21.61 15.13
N LYS B 46 -14.13 -22.61 14.65
CA LYS B 46 -14.50 -23.74 15.48
C LYS B 46 -13.26 -24.43 16.05
N TYR B 47 -12.26 -24.68 15.20
CA TYR B 47 -11.08 -25.39 15.65
C TYR B 47 -10.47 -24.74 16.89
N ASN B 48 -10.50 -23.40 16.95
CA ASN B 48 -9.94 -22.68 18.08
C ASN B 48 -10.99 -22.29 19.12
N PHE B 49 -12.26 -22.21 18.74
CA PHE B 49 -13.35 -21.82 19.64
C PHE B 49 -14.50 -22.80 19.45
N PRO B 50 -14.38 -24.02 19.98
CA PRO B 50 -15.43 -25.02 19.76
C PRO B 50 -16.72 -24.72 20.52
N HIS B 51 -16.63 -24.12 21.71
CA HIS B 51 -17.78 -23.94 22.57
C HIS B 51 -18.46 -22.60 22.38
N THR B 52 -18.17 -21.90 21.28
CA THR B 52 -18.75 -20.60 21.00
C THR B 52 -19.75 -20.72 19.87
N GLN B 53 -20.94 -20.15 20.04
CA GLN B 53 -21.92 -20.20 18.97
C GLN B 53 -21.43 -19.37 17.80
N LEU B 54 -21.57 -19.93 16.59
CA LEU B 54 -21.12 -19.29 15.37
C LEU B 54 -22.29 -19.26 14.38
N LEU B 55 -22.85 -18.08 14.15
CA LEU B 55 -23.98 -17.93 13.23
C LEU B 55 -23.43 -17.78 11.81
N ALA B 56 -23.51 -18.86 11.03
CA ALA B 56 -23.06 -18.86 9.65
C ALA B 56 -24.12 -18.22 8.75
N LYS B 57 -24.39 -16.95 9.02
CA LYS B 57 -25.34 -16.16 8.25
C LYS B 57 -24.73 -14.82 7.89
N THR B 58 -25.31 -14.19 6.88
CA THR B 58 -24.98 -12.81 6.58
C THR B 58 -25.63 -11.90 7.60
N ILE B 59 -24.97 -10.77 7.89
CA ILE B 59 -25.52 -9.83 8.86
C ILE B 59 -26.88 -9.31 8.41
N GLU B 60 -27.08 -9.15 7.10
CA GLU B 60 -28.36 -8.64 6.62
C GLU B 60 -29.48 -9.66 6.80
N GLY B 61 -29.15 -10.95 6.90
CA GLY B 61 -30.15 -11.99 7.07
C GLY B 61 -30.53 -12.26 8.50
N ILE B 62 -29.94 -11.55 9.45
CA ILE B 62 -30.22 -11.72 10.86
C ILE B 62 -31.24 -10.67 11.29
N THR B 63 -32.41 -11.11 11.72
CA THR B 63 -33.51 -10.20 12.00
C THR B 63 -33.29 -9.45 13.30
N LEU B 64 -34.02 -8.33 13.45
CA LEU B 64 -33.97 -7.56 14.69
C LEU B 64 -34.36 -8.40 15.89
N GLU B 65 -35.34 -9.28 15.72
CA GLU B 65 -35.73 -10.18 16.81
C GLU B 65 -34.53 -10.97 17.29
N GLU B 66 -33.77 -11.56 16.37
CA GLU B 66 -32.57 -12.30 16.75
C GLU B 66 -31.57 -11.39 17.46
N PHE B 67 -31.41 -10.15 16.97
CA PHE B 67 -30.46 -9.23 17.58
C PHE B 67 -30.87 -8.89 19.01
N ASP B 68 -32.16 -8.59 19.21
CA ASP B 68 -32.65 -8.29 20.56
C ASP B 68 -32.51 -9.50 21.47
N ARG B 69 -32.73 -10.71 20.95
CA ARG B 69 -32.63 -11.91 21.77
C ARG B 69 -31.20 -12.12 22.25
N LEU B 70 -30.21 -11.83 21.42
CA LEU B 70 -28.81 -12.00 21.83
C LEU B 70 -28.43 -11.06 22.96
N SER B 71 -29.12 -9.92 23.09
CA SER B 71 -28.90 -9.01 24.22
C SER B 71 -27.43 -8.69 24.41
N PHE B 72 -26.78 -8.24 23.33
CA PHE B 72 -25.36 -7.98 23.38
C PHE B 72 -25.09 -6.59 23.96
N ASP B 73 -24.05 -6.52 24.81
CA ASP B 73 -23.57 -5.26 25.37
C ASP B 73 -22.34 -4.74 24.67
N MET B 74 -21.77 -5.49 23.73
CA MET B 74 -20.55 -5.10 23.04
C MET B 74 -20.56 -5.62 21.61
N ILE B 75 -20.19 -4.76 20.67
CA ILE B 75 -20.04 -5.12 19.28
C ILE B 75 -18.55 -5.04 18.93
N LEU B 76 -18.03 -6.10 18.33
CA LEU B 76 -16.68 -6.12 17.84
C LEU B 76 -16.74 -6.55 16.37
N MET B 77 -16.13 -5.76 15.50
CA MET B 77 -16.17 -6.08 14.07
C MET B 77 -14.83 -5.72 13.43
N SER B 78 -14.33 -6.61 12.60
CA SER B 78 -13.14 -6.40 11.81
C SER B 78 -13.45 -6.77 10.36
N PRO B 79 -12.59 -6.40 9.42
CA PRO B 79 -12.92 -6.61 8.02
C PRO B 79 -13.14 -8.08 7.72
N PRO B 80 -13.97 -8.41 6.73
CA PRO B 80 -14.26 -9.78 6.30
C PRO B 80 -13.09 -10.48 5.63
N GLN B 82 -11.07 -12.40 3.00
CA GLN B 82 -11.19 -12.37 1.55
C GLN B 82 -11.10 -13.79 0.99
N PRO B 83 -12.24 -14.33 0.57
CA PRO B 83 -12.28 -15.76 0.19
C PRO B 83 -11.58 -16.02 -1.13
N PHE B 84 -10.80 -17.10 -1.17
CA PHE B 84 -10.28 -17.65 -2.42
C PHE B 84 -11.47 -18.03 -3.30
N THR B 85 -11.77 -17.23 -4.32
CA THR B 85 -12.90 -17.55 -5.18
C THR B 85 -12.70 -18.93 -5.81
N ARG B 86 -13.70 -19.78 -5.68
CA ARG B 86 -13.71 -21.04 -6.42
C ARG B 86 -13.48 -20.75 -7.91
N ILE B 87 -12.49 -21.42 -8.49
CA ILE B 87 -11.99 -21.09 -9.83
C ILE B 87 -13.15 -20.77 -10.79
N GLY B 88 -14.28 -21.47 -10.64
CA GLY B 88 -15.43 -21.15 -11.46
C GLY B 88 -16.01 -19.78 -11.13
N ARG B 89 -15.97 -19.39 -9.87
CA ARG B 89 -16.49 -18.09 -9.43
C ARG B 89 -17.99 -17.98 -9.66
N THR B 94 -20.28 -13.36 -3.87
CA THR B 94 -21.10 -12.16 -3.95
C THR B 94 -20.90 -11.29 -2.71
N ASP B 95 -20.97 -9.97 -2.89
CA ASP B 95 -20.67 -9.02 -1.83
C ASP B 95 -21.98 -8.55 -1.21
N SER B 96 -22.28 -9.08 -0.03
CA SER B 96 -23.39 -8.59 0.77
C SER B 96 -22.97 -7.46 1.69
N ARG B 97 -21.80 -6.87 1.47
CA ARG B 97 -21.26 -5.93 2.44
C ARG B 97 -22.11 -4.68 2.55
N THR B 98 -22.48 -4.08 1.41
CA THR B 98 -23.27 -2.86 1.45
C THR B 98 -24.57 -3.08 2.24
N ASN B 99 -25.31 -4.15 1.89
CA ASN B 99 -26.55 -4.45 2.61
C ASN B 99 -26.29 -4.83 4.06
N SER B 100 -25.23 -5.61 4.33
CA SER B 100 -24.92 -5.97 5.71
C SER B 100 -24.57 -4.73 6.53
N PHE B 101 -23.78 -3.82 5.98
CA PHE B 101 -23.41 -2.62 6.71
C PHE B 101 -24.63 -1.73 6.93
N LEU B 102 -25.50 -1.62 5.93
CA LEU B 102 -26.72 -0.83 6.11
C LEU B 102 -27.63 -1.45 7.19
N HIS B 103 -27.74 -2.79 7.20
CA HIS B 103 -28.58 -3.43 8.19
C HIS B 103 -28.07 -3.16 9.60
N ILE B 104 -26.75 -3.11 9.77
CA ILE B 104 -26.18 -2.79 11.08
C ILE B 104 -26.59 -1.39 11.48
N LEU B 105 -26.45 -0.42 10.57
CA LEU B 105 -26.89 0.94 10.86
C LEU B 105 -28.39 1.00 11.13
N ASP B 106 -29.17 0.17 10.42
CA ASP B 106 -30.62 0.19 10.57
C ASP B 106 -31.07 -0.47 11.87
N ILE B 107 -30.34 -1.48 12.35
CA ILE B 107 -30.80 -2.23 13.52
C ILE B 107 -30.48 -1.49 14.81
N LEU B 108 -29.36 -0.78 14.85
CA LEU B 108 -28.85 -0.18 16.08
C LEU B 108 -29.90 0.69 16.79
N PRO B 109 -30.45 1.71 16.12
CA PRO B 109 -31.42 2.57 16.80
C PRO B 109 -32.68 1.83 17.24
N ARG B 110 -33.00 0.68 16.63
CA ARG B 110 -34.22 -0.04 16.91
C ARG B 110 -34.03 -1.14 17.95
N LEU B 111 -32.82 -1.32 18.46
CA LEU B 111 -32.58 -2.34 19.49
C LEU B 111 -33.26 -1.96 20.79
N GLN B 112 -33.68 -2.98 21.54
CA GLN B 112 -34.27 -2.75 22.85
C GLN B 112 -33.22 -2.33 23.87
N LYS B 113 -31.99 -2.84 23.74
CA LYS B 113 -30.88 -2.44 24.60
C LYS B 113 -29.71 -2.08 23.71
N LEU B 114 -29.38 -0.79 23.65
CA LEU B 114 -28.19 -0.38 22.92
C LEU B 114 -26.96 -1.00 23.58
N PRO B 115 -26.04 -1.56 22.81
CA PRO B 115 -24.79 -2.05 23.40
C PRO B 115 -24.01 -0.89 23.99
N LYS B 116 -23.44 -1.12 25.18
CA LYS B 116 -22.65 -0.08 25.84
C LYS B 116 -21.33 0.17 25.12
N TYR B 117 -20.79 -0.84 24.44
CA TYR B 117 -19.47 -0.75 23.85
C TYR B 117 -19.53 -1.11 22.37
N ILE B 118 -18.74 -0.36 21.58
CA ILE B 118 -18.55 -0.63 20.16
C ILE B 118 -17.07 -0.45 19.85
N LEU B 119 -16.48 -1.43 19.16
CA LEU B 119 -15.08 -1.34 18.74
C LEU B 119 -14.94 -1.95 17.36
N LEU B 120 -14.53 -1.13 16.40
CA LEU B 120 -14.41 -1.52 15.00
C LEU B 120 -12.97 -1.36 14.54
N GLU B 121 -12.49 -2.33 13.78
CA GLU B 121 -11.16 -2.30 13.19
C GLU B 121 -11.32 -2.36 11.68
N ASN B 122 -10.72 -1.42 10.97
CA ASN B 122 -10.79 -1.41 9.51
C ASN B 122 -9.39 -1.07 8.99
N VAL B 123 -9.29 -0.90 7.67
CA VAL B 123 -8.01 -0.58 7.04
C VAL B 123 -7.78 0.93 7.10
N LYS B 124 -6.50 1.31 7.05
CA LYS B 124 -6.18 2.72 6.92
C LYS B 124 -6.77 3.26 5.64
N GLY B 125 -7.12 4.56 5.68
CA GLY B 125 -7.82 5.22 4.59
C GLY B 125 -9.31 5.32 4.81
N PHE B 126 -9.88 4.45 5.64
CA PHE B 126 -11.31 4.52 5.92
C PHE B 126 -11.69 5.82 6.61
N GLU B 127 -10.77 6.40 7.39
CA GLU B 127 -11.08 7.57 8.21
C GLU B 127 -11.46 8.80 7.40
N VAL B 128 -11.31 8.79 6.08
CA VAL B 128 -11.66 9.94 5.25
C VAL B 128 -12.81 9.66 4.32
N SER B 129 -13.38 8.45 4.37
CA SER B 129 -14.43 8.07 3.44
C SER B 129 -15.76 8.69 3.82
N SER B 130 -16.66 8.75 2.85
CA SER B 130 -18.02 9.15 3.14
C SER B 130 -18.72 8.11 4.00
N THR B 131 -18.35 6.84 3.85
CA THR B 131 -18.96 5.79 4.68
C THR B 131 -18.67 6.03 6.15
N ARG B 132 -17.45 6.47 6.48
CA ARG B 132 -17.14 6.79 7.87
C ARG B 132 -18.08 7.85 8.42
N ASP B 133 -18.28 8.92 7.64
CA ASP B 133 -19.12 10.02 8.11
C ASP B 133 -20.53 9.55 8.43
N LEU B 134 -21.08 8.64 7.62
CA LEU B 134 -22.41 8.12 7.90
C LEU B 134 -22.42 7.26 9.16
N LEU B 135 -21.41 6.39 9.32
CA LEU B 135 -21.28 5.59 10.52
C LEU B 135 -21.16 6.47 11.75
N ILE B 136 -20.16 7.36 11.75
CA ILE B 136 -20.01 8.30 12.86
C ILE B 136 -21.32 9.00 13.15
N GLN B 137 -22.02 9.44 12.10
CA GLN B 137 -23.28 10.15 12.27
C GLN B 137 -24.28 9.30 13.05
N THR B 138 -24.38 8.01 12.73
CA THR B 138 -25.37 7.17 13.36
C THR B 138 -25.09 6.97 14.84
N ILE B 139 -23.82 6.68 15.19
CA ILE B 139 -23.50 6.43 16.60
C ILE B 139 -23.62 7.71 17.42
N GLU B 140 -23.39 8.87 16.80
CA GLU B 140 -23.63 10.13 17.50
C GLU B 140 -25.12 10.30 17.79
N ASN B 141 -25.97 9.96 16.84
CA ASN B 141 -27.42 10.05 17.09
C ASN B 141 -27.82 9.15 18.23
N CYS B 142 -27.21 7.96 18.32
CA CYS B 142 -27.45 7.03 19.42
C CYS B 142 -26.69 7.43 20.69
N GLY B 143 -25.92 8.51 20.66
CA GLY B 143 -25.30 9.02 21.87
C GLY B 143 -24.03 8.32 22.30
N PHE B 144 -23.24 7.81 21.36
CA PHE B 144 -21.96 7.19 21.68
C PHE B 144 -20.85 8.24 21.68
N GLN B 145 -20.04 8.23 22.73
CA GLN B 145 -18.77 8.94 22.72
C GLN B 145 -17.71 8.03 22.09
N TYR B 146 -17.03 8.54 21.08
CA TYR B 146 -16.14 7.71 20.29
C TYR B 146 -14.78 8.39 20.17
N GLN B 147 -13.81 7.61 19.70
CA GLN B 147 -12.50 8.14 19.33
C GLN B 147 -11.92 7.24 18.25
N GLU B 148 -11.35 7.84 17.21
CA GLU B 148 -10.73 7.10 16.12
C GLU B 148 -9.23 7.08 16.28
N PHE B 149 -8.61 5.96 15.89
CA PHE B 149 -7.17 5.79 16.01
C PHE B 149 -6.59 5.30 14.69
N LEU B 150 -5.29 5.53 14.52
CA LEU B 150 -4.50 4.88 13.47
C LEU B 150 -3.22 4.38 14.14
N LEU B 151 -3.14 3.07 14.38
CA LEU B 151 -2.08 2.49 15.19
C LEU B 151 -1.47 1.29 14.51
N SER B 152 -0.15 1.16 14.62
CA SER B 152 0.59 0.01 14.11
C SER B 152 1.14 -0.82 15.26
N PRO B 153 1.18 -2.16 15.14
CA PRO B 153 1.67 -2.99 16.25
C PRO B 153 3.06 -2.60 16.74
N THR B 154 3.77 -1.74 15.98
CA THR B 154 5.08 -1.29 16.43
C THR B 154 4.96 -0.46 17.69
N SER B 155 3.82 0.22 17.88
CA SER B 155 3.65 1.03 19.08
C SER B 155 3.64 0.18 20.35
N LEU B 156 3.18 -1.07 20.26
CA LEU B 156 3.20 -1.99 21.39
C LEU B 156 4.44 -2.86 21.39
N GLY B 157 5.48 -2.51 20.63
CA GLY B 157 6.72 -3.23 20.65
C GLY B 157 6.82 -4.42 19.72
N ILE B 158 5.83 -4.65 18.86
CA ILE B 158 5.84 -5.76 17.91
C ILE B 158 6.60 -5.36 16.64
N PRO B 159 7.58 -6.16 16.19
CA PRO B 159 8.40 -5.79 15.01
C PRO B 159 7.67 -6.00 13.69
N ASN B 160 6.56 -5.29 13.50
CA ASN B 160 5.75 -5.52 12.31
C ASN B 160 4.90 -4.29 12.03
N SER B 161 5.06 -3.71 10.84
CA SER B 161 4.26 -2.57 10.44
C SER B 161 2.90 -3.05 9.96
N ARG B 162 1.84 -2.50 10.56
CA ARG B 162 0.48 -2.85 10.17
C ARG B 162 -0.45 -1.72 10.59
N LEU B 163 -0.34 -0.58 9.92
CA LEU B 163 -1.16 0.57 10.28
C LEU B 163 -2.62 0.29 9.96
N ARG B 164 -3.48 0.34 10.96
CA ARG B 164 -4.88 0.02 10.79
C ARG B 164 -5.73 1.07 11.47
N TYR B 165 -7.01 1.07 11.13
CA TYR B 165 -7.97 2.03 11.64
C TYR B 165 -8.75 1.43 12.80
N PHE B 166 -9.04 2.27 13.80
CA PHE B 166 -9.77 1.83 14.98
C PHE B 166 -10.77 2.90 15.41
N LEU B 167 -11.97 2.47 15.78
CA LEU B 167 -12.99 3.33 16.37
C LEU B 167 -13.54 2.66 17.61
N ILE B 168 -13.43 3.34 18.75
CA ILE B 168 -13.96 2.85 20.02
C ILE B 168 -15.11 3.74 20.43
N ALA B 169 -16.25 3.13 20.75
CA ALA B 169 -17.46 3.85 21.09
C ALA B 169 -18.00 3.34 22.41
N LYS B 170 -18.51 4.25 23.22
CA LYS B 170 -19.02 3.92 24.55
C LYS B 170 -20.30 4.72 24.79
N LEU B 171 -21.34 4.05 25.28
CA LEU B 171 -22.64 4.68 25.50
C LEU B 171 -22.61 5.43 26.83
N GLN B 172 -22.12 6.65 26.78
CA GLN B 172 -22.09 7.52 27.95
C GLN B 172 -22.24 8.96 27.49
N SER B 173 -22.82 9.80 28.33
CA SER B 173 -23.02 11.21 27.99
C SER B 173 -21.74 12.02 28.17
N GLU B 174 -20.92 11.69 29.16
CA GLU B 174 -19.72 12.46 29.43
C GLU B 174 -18.69 12.25 28.32
N PRO B 175 -17.79 13.21 28.12
CA PRO B 175 -16.74 13.04 27.10
C PRO B 175 -15.70 12.04 27.55
N LEU B 176 -14.98 11.49 26.56
CA LEU B 176 -13.96 10.50 26.89
C LEU B 176 -12.71 11.18 27.44
N PRO B 177 -12.05 10.58 28.43
CA PRO B 177 -10.87 11.24 29.03
C PRO B 177 -9.78 11.56 28.03
N PHE B 178 -9.67 10.76 26.97
CA PHE B 178 -8.62 10.93 25.96
C PHE B 178 -9.17 11.48 24.65
N GLN B 179 -10.37 12.03 24.66
CA GLN B 179 -11.02 12.42 23.43
C GLN B 179 -10.33 13.62 22.78
N ALA B 180 -10.00 13.47 21.50
CA ALA B 180 -9.58 14.58 20.65
C ALA B 180 -10.66 14.78 19.60
N PRO B 181 -11.63 15.64 19.84
CA PRO B 181 -12.77 15.74 18.92
C PRO B 181 -12.32 16.02 17.49
N GLY B 182 -12.99 15.37 16.54
CA GLY B 182 -12.67 15.57 15.14
C GLY B 182 -11.25 15.24 14.74
N GLN B 183 -10.59 14.37 15.50
CA GLN B 183 -9.19 14.06 15.27
C GLN B 183 -8.97 12.54 15.33
N VAL B 184 -8.12 12.05 14.43
CA VAL B 184 -7.66 10.68 14.45
C VAL B 184 -6.36 10.66 15.24
N LEU B 185 -6.37 9.99 16.40
CA LEU B 185 -5.18 9.92 17.23
C LEU B 185 -4.22 8.88 16.68
N MET B 186 -2.93 9.20 16.75
CA MET B 186 -1.88 8.33 16.21
C MET B 186 -1.10 7.62 17.29
N GLU B 187 -1.52 7.70 18.55
CA GLU B 187 -0.84 7.04 19.65
C GLU B 187 -1.87 6.65 20.70
N PHE B 188 -1.58 5.57 21.43
CA PHE B 188 -2.42 5.21 22.56
C PHE B 188 -2.39 6.32 23.60
N PRO B 189 -3.50 6.59 24.28
CA PRO B 189 -3.48 7.60 25.34
C PRO B 189 -2.44 7.26 26.39
N LYS B 190 -1.76 8.29 26.88
CA LYS B 190 -0.75 8.10 27.93
C LYS B 190 -1.38 7.58 29.22
N LEU B 205 7.84 -3.60 26.03
CA LEU B 205 8.14 -2.18 26.07
C LEU B 205 8.59 -1.66 24.69
N SER B 206 9.87 -1.81 24.39
CA SER B 206 10.41 -1.40 23.10
C SER B 206 10.15 -2.48 22.05
N VAL B 207 10.68 -2.29 20.86
CA VAL B 207 10.41 -3.17 19.72
C VAL B 207 11.25 -4.43 19.87
N LYS B 208 10.59 -5.57 20.12
CA LYS B 208 11.26 -6.84 20.26
C LYS B 208 11.84 -7.30 18.93
N MET B 209 12.73 -8.29 18.99
CA MET B 209 13.31 -8.86 17.79
C MET B 209 12.40 -9.94 17.22
N LEU B 210 12.58 -10.21 15.91
CA LEU B 210 11.73 -11.17 15.23
C LEU B 210 11.92 -12.60 15.76
N LYS B 211 13.11 -12.92 16.29
CA LYS B 211 13.34 -14.30 16.74
C LYS B 211 12.35 -14.70 17.84
N ASP B 212 11.85 -13.73 18.61
CA ASP B 212 10.85 -14.05 19.63
C ASP B 212 9.54 -14.52 19.05
N PHE B 213 9.26 -14.22 17.78
CA PHE B 213 7.99 -14.57 17.14
C PHE B 213 8.15 -15.72 16.15
N LEU B 214 9.34 -16.27 15.99
CA LEU B 214 9.58 -17.36 15.05
C LEU B 214 9.31 -18.70 15.71
N GLU B 215 8.63 -19.59 14.98
CA GLU B 215 8.51 -20.97 15.40
C GLU B 215 9.82 -21.70 15.17
N ASP B 216 10.33 -22.36 16.19
CA ASP B 216 11.59 -23.08 16.09
C ASP B 216 11.42 -24.51 15.58
N ASP B 217 10.20 -25.03 15.54
CA ASP B 217 9.93 -26.33 14.96
C ASP B 217 9.56 -26.26 13.49
N THR B 218 9.59 -25.06 12.89
CA THR B 218 9.20 -24.92 11.50
C THR B 218 10.18 -25.63 10.58
N ASP B 219 9.65 -26.39 9.63
CA ASP B 219 10.47 -26.96 8.57
C ASP B 219 11.11 -25.84 7.75
N VAL B 220 12.42 -25.60 7.92
CA VAL B 220 13.08 -24.52 7.18
C VAL B 220 12.97 -24.77 5.69
N ASN B 221 13.18 -26.01 5.26
CA ASN B 221 12.82 -26.38 3.91
C ASN B 221 11.31 -26.28 3.73
N GLN B 222 10.85 -26.42 2.48
CA GLN B 222 9.44 -26.22 2.15
C GLN B 222 9.10 -24.74 2.17
N TYR B 223 9.58 -24.02 3.19
CA TYR B 223 9.37 -22.59 3.27
C TYR B 223 10.53 -21.79 2.69
N LEU B 224 11.59 -22.45 2.25
CA LEU B 224 12.66 -21.77 1.54
C LEU B 224 12.14 -21.24 0.20
N LEU B 225 12.56 -20.02 -0.15
CA LEU B 225 12.11 -19.45 -1.40
C LEU B 225 12.57 -20.32 -2.58
N PRO B 226 11.68 -20.60 -3.53
CA PRO B 226 12.08 -21.39 -4.69
C PRO B 226 13.17 -20.71 -5.45
N PRO B 227 13.99 -21.45 -6.20
CA PRO B 227 15.16 -20.84 -6.86
C PRO B 227 14.80 -19.82 -7.93
N LYS B 228 13.83 -20.11 -8.80
CA LYS B 228 13.47 -19.14 -9.83
C LYS B 228 12.96 -17.83 -9.22
N SER B 229 12.35 -17.89 -8.04
CA SER B 229 11.92 -16.67 -7.38
C SER B 229 13.10 -15.83 -6.93
N LEU B 230 14.11 -16.48 -6.32
CA LEU B 230 15.32 -15.78 -5.93
C LEU B 230 15.96 -15.07 -7.13
N LEU B 231 16.07 -15.77 -8.26
CA LEU B 231 16.74 -15.21 -9.43
C LEU B 231 16.09 -13.89 -9.86
N ARG B 232 14.75 -13.86 -9.92
CA ARG B 232 14.07 -12.71 -10.49
C ARG B 232 13.94 -11.57 -9.47
N TYR B 233 13.55 -11.87 -8.24
CA TYR B 233 13.18 -10.85 -7.27
C TYR B 233 14.21 -10.65 -6.17
N ALA B 234 15.38 -11.28 -6.26
CA ALA B 234 16.35 -11.22 -5.16
C ALA B 234 16.59 -9.81 -4.69
N LEU B 235 16.96 -8.90 -5.61
CA LEU B 235 17.31 -7.53 -5.22
C LEU B 235 16.09 -6.65 -5.03
N LEU B 236 14.89 -7.11 -5.38
CA LEU B 236 13.66 -6.39 -5.08
C LEU B 236 13.05 -6.83 -3.74
N LEU B 237 13.67 -7.78 -3.05
CA LEU B 237 13.13 -8.35 -1.83
C LEU B 237 13.47 -7.49 -0.62
N ASP B 238 12.62 -7.57 0.39
CA ASP B 238 12.90 -6.98 1.71
C ASP B 238 13.33 -8.11 2.63
N ILE B 239 14.65 -8.33 2.74
CA ILE B 239 15.21 -9.42 3.50
C ILE B 239 15.50 -8.94 4.92
N VAL B 240 14.86 -9.58 5.91
CA VAL B 240 15.08 -9.28 7.32
C VAL B 240 15.77 -10.47 7.95
N GLN B 241 16.63 -10.20 8.92
CA GLN B 241 17.28 -11.27 9.66
C GLN B 241 16.60 -11.44 11.01
N PRO B 242 16.82 -12.58 11.68
CA PRO B 242 16.08 -12.85 12.92
C PRO B 242 16.37 -11.86 14.04
N THR B 243 17.49 -11.15 14.00
CA THR B 243 17.80 -10.21 15.08
C THR B 243 17.21 -8.83 14.77
N ARG B 245 14.60 -5.83 14.20
CA ARG B 245 13.42 -5.41 14.96
C ARG B 245 12.39 -4.71 14.07
N ARG B 246 12.19 -5.24 12.86
CA ARG B 246 11.27 -4.61 11.91
C ARG B 246 10.83 -5.62 10.86
N SER B 247 9.67 -5.36 10.28
CA SER B 247 9.16 -6.13 9.15
C SER B 247 8.01 -5.35 8.53
N VAL B 248 7.78 -5.60 7.23
CA VAL B 248 6.80 -4.81 6.47
C VAL B 248 5.41 -5.46 6.56
N CYS B 249 4.42 -4.75 6.04
CA CYS B 249 3.04 -5.21 6.15
C CYS B 249 2.84 -6.50 5.36
N PHE B 250 2.09 -7.43 5.95
CA PHE B 250 1.73 -8.67 5.29
C PHE B 250 0.37 -8.50 4.60
N THR B 251 0.31 -8.93 3.34
CA THR B 251 -0.94 -8.90 2.57
C THR B 251 -1.37 -10.33 2.24
N LYS B 252 -2.61 -10.46 1.76
CA LYS B 252 -3.16 -11.77 1.45
C LYS B 252 -2.33 -12.53 0.42
N GLY B 253 -1.51 -11.83 -0.37
CA GLY B 253 -0.74 -12.45 -1.42
C GLY B 253 0.53 -13.14 -1.00
N TYR B 254 0.92 -13.00 0.26
CA TYR B 254 2.17 -13.57 0.74
C TYR B 254 2.21 -15.07 0.48
N GLY B 255 3.32 -15.55 -0.09
CA GLY B 255 3.48 -16.93 -0.43
C GLY B 255 3.07 -17.29 -1.85
N SER B 256 2.29 -16.43 -2.51
CA SER B 256 1.90 -16.62 -3.90
C SER B 256 2.44 -15.51 -4.80
N TYR B 257 2.42 -14.27 -4.33
CA TYR B 257 3.08 -13.16 -4.99
C TYR B 257 4.17 -12.63 -4.07
N ILE B 258 5.24 -12.11 -4.66
CA ILE B 258 6.44 -11.76 -3.90
C ILE B 258 6.57 -10.26 -3.67
N GLU B 259 6.06 -9.42 -4.59
CA GLU B 259 6.26 -7.98 -4.47
C GLU B 259 5.08 -7.33 -3.73
N GLY B 260 5.41 -6.59 -2.66
CA GLY B 260 4.41 -5.87 -1.90
C GLY B 260 3.60 -6.70 -0.94
N THR B 261 3.99 -7.96 -0.73
CA THR B 261 3.23 -8.89 0.12
C THR B 261 3.82 -9.04 1.51
N GLY B 262 5.12 -8.85 1.69
CA GLY B 262 5.73 -8.98 2.99
C GLY B 262 7.22 -9.22 2.87
N SER B 263 7.87 -9.25 4.05
CA SER B 263 9.30 -9.51 4.11
C SER B 263 9.59 -11.00 4.05
N VAL B 264 10.84 -11.33 3.71
CA VAL B 264 11.32 -12.71 3.76
C VAL B 264 12.48 -12.76 4.75
N LEU B 265 12.72 -13.95 5.29
CA LEU B 265 13.64 -14.14 6.39
C LEU B 265 14.90 -14.84 5.90
N GLN B 266 16.06 -14.33 6.30
CA GLN B 266 17.35 -14.93 5.99
C GLN B 266 17.72 -15.84 7.17
N THR B 267 17.64 -17.15 6.97
CA THR B 267 17.93 -18.12 8.01
C THR B 267 19.37 -18.63 7.94
N ALA B 268 20.30 -17.81 7.46
CA ALA B 268 21.70 -18.20 7.32
C ALA B 268 22.56 -17.04 7.83
N GLU B 269 22.87 -17.06 9.12
CA GLU B 269 23.66 -16.00 9.73
C GLU B 269 25.12 -16.12 9.27
N ASP B 270 25.88 -15.06 9.54
CA ASP B 270 27.28 -14.92 9.18
C ASP B 270 27.46 -14.78 7.68
N VAL B 271 26.38 -14.76 6.91
CA VAL B 271 26.38 -14.44 5.49
C VAL B 271 25.75 -13.06 5.35
N GLN B 272 26.44 -12.15 4.68
CA GLN B 272 26.00 -10.77 4.55
C GLN B 272 25.26 -10.61 3.22
N VAL B 273 24.02 -10.15 3.29
CA VAL B 273 23.19 -10.01 2.08
C VAL B 273 23.93 -9.18 1.03
N GLU B 274 24.49 -8.04 1.44
CA GLU B 274 25.15 -7.17 0.48
C GLU B 274 26.34 -7.86 -0.19
N ASN B 275 26.92 -8.87 0.46
CA ASN B 275 28.02 -9.60 -0.18
C ASN B 275 27.50 -10.53 -1.26
N ILE B 276 26.44 -11.28 -0.97
CA ILE B 276 25.77 -12.08 -2.01
C ILE B 276 25.39 -11.18 -3.18
N TYR B 277 24.81 -10.01 -2.88
CA TYR B 277 24.40 -9.08 -3.92
C TYR B 277 25.57 -8.72 -4.84
N LYS B 278 26.64 -8.17 -4.26
CA LYS B 278 27.75 -7.69 -5.09
C LYS B 278 28.40 -8.82 -5.86
N SER B 279 28.41 -10.03 -5.31
CA SER B 279 29.05 -11.16 -5.96
C SER B 279 28.21 -11.73 -7.09
N LEU B 280 26.95 -11.32 -7.21
CA LEU B 280 26.14 -11.73 -8.36
C LEU B 280 26.64 -11.10 -9.65
N THR B 281 27.35 -9.98 -9.56
CA THR B 281 27.80 -9.26 -10.75
C THR B 281 28.58 -10.18 -11.68
N ASN B 282 28.32 -10.03 -12.98
CA ASN B 282 29.07 -10.74 -14.01
C ASN B 282 28.99 -12.25 -13.86
N LEU B 283 27.91 -12.75 -13.26
CA LEU B 283 27.69 -14.19 -13.14
C LEU B 283 26.52 -14.62 -14.03
N SER B 284 26.51 -15.90 -14.37
CA SER B 284 25.43 -16.46 -15.16
C SER B 284 24.20 -16.68 -14.29
N GLN B 285 23.07 -16.97 -14.95
CA GLN B 285 21.83 -17.20 -14.22
C GLN B 285 21.98 -18.37 -13.26
N GLU B 286 22.62 -19.46 -13.71
CA GLU B 286 22.78 -20.64 -12.87
C GLU B 286 23.69 -20.38 -11.69
N GLU B 287 24.79 -19.65 -11.91
CA GLU B 287 25.72 -19.35 -10.82
C GLU B 287 25.13 -18.37 -9.81
N GLN B 288 24.23 -17.49 -10.27
CA GLN B 288 23.55 -16.60 -9.34
C GLN B 288 22.57 -17.38 -8.46
N ILE B 289 21.80 -18.29 -9.06
CA ILE B 289 20.91 -19.15 -8.28
C ILE B 289 21.70 -19.87 -7.20
N THR B 290 22.85 -20.43 -7.57
CA THR B 290 23.67 -21.14 -6.60
C THR B 290 24.15 -20.20 -5.50
N LYS B 291 24.47 -18.96 -5.85
CA LYS B 291 24.97 -18.01 -4.86
C LYS B 291 23.85 -17.54 -3.93
N LEU B 292 22.69 -17.20 -4.50
CA LEU B 292 21.60 -16.68 -3.68
C LEU B 292 21.05 -17.74 -2.73
N LEU B 293 21.15 -19.01 -3.09
CA LEU B 293 20.68 -20.06 -2.18
C LEU B 293 21.42 -20.02 -0.85
N ILE B 294 22.67 -19.55 -0.87
CA ILE B 294 23.47 -19.50 0.35
C ILE B 294 22.77 -18.70 1.44
N LEU B 295 22.03 -17.66 1.06
CA LEU B 295 21.36 -16.84 2.05
C LEU B 295 20.29 -17.61 2.82
N LYS B 296 19.80 -18.72 2.26
CA LYS B 296 18.76 -19.51 2.91
C LYS B 296 17.57 -18.63 3.27
N LEU B 297 17.12 -17.83 2.31
CA LEU B 297 15.93 -17.01 2.51
C LEU B 297 14.71 -17.92 2.57
N ARG B 298 13.80 -17.63 3.50
CA ARG B 298 12.58 -18.42 3.63
C ARG B 298 11.41 -17.49 3.94
N TYR B 299 10.21 -17.96 3.58
CA TYR B 299 9.00 -17.24 3.95
C TYR B 299 8.72 -17.39 5.45
N PHE B 300 8.13 -16.36 6.04
CA PHE B 300 7.48 -16.56 7.32
C PHE B 300 6.31 -17.54 7.14
N THR B 301 6.15 -18.45 8.10
CA THR B 301 5.08 -19.43 8.01
C THR B 301 3.76 -18.81 8.45
N PRO B 302 2.64 -19.41 8.07
CA PRO B 302 1.33 -18.89 8.52
C PRO B 302 1.24 -18.75 10.02
N LYS B 303 1.74 -19.74 10.77
CA LYS B 303 1.70 -19.64 12.23
C LYS B 303 2.57 -18.50 12.73
N GLU B 304 3.70 -18.25 12.06
CA GLU B 304 4.59 -17.17 12.48
C GLU B 304 3.97 -15.80 12.22
N ILE B 305 3.27 -15.63 11.09
CA ILE B 305 2.51 -14.41 10.88
C ILE B 305 1.47 -14.23 11.98
N ALA B 306 0.81 -15.33 12.37
CA ALA B 306 -0.19 -15.25 13.43
C ALA B 306 0.43 -14.82 14.75
N ASN B 307 1.63 -15.32 15.06
CA ASN B 307 2.35 -14.83 16.24
C ASN B 307 2.51 -13.31 16.18
N LEU B 308 3.06 -12.81 15.06
CA LEU B 308 3.26 -11.37 14.93
C LEU B 308 1.95 -10.61 14.97
N LEU B 309 0.86 -11.22 14.48
CA LEU B 309 -0.46 -10.61 14.61
C LEU B 309 -1.01 -10.69 16.03
N GLY B 310 -0.39 -11.49 16.91
CA GLY B 310 -0.81 -11.55 18.29
C GLY B 310 -1.74 -12.70 18.63
N PHE B 311 -1.98 -13.62 17.72
CA PHE B 311 -2.79 -14.78 18.05
C PHE B 311 -2.09 -15.60 19.12
N PRO B 312 -2.85 -16.25 20.00
CA PRO B 312 -2.26 -16.90 21.16
C PRO B 312 -1.36 -18.05 20.74
N PRO B 313 -0.38 -18.41 21.58
CA PRO B 313 0.46 -19.58 21.25
C PRO B 313 -0.35 -20.83 20.94
N GLU B 314 -1.54 -20.94 21.50
CA GLU B 314 -2.41 -22.09 21.27
C GLU B 314 -3.14 -22.04 19.94
N PHE B 315 -3.05 -20.92 19.20
CA PHE B 315 -3.79 -20.78 17.96
C PHE B 315 -3.21 -21.68 16.87
N GLY B 316 -4.09 -22.34 16.12
CA GLY B 316 -3.64 -23.23 15.04
C GLY B 316 -4.73 -23.41 14.01
N PHE B 317 -4.36 -24.08 12.92
CA PHE B 317 -5.28 -24.33 11.83
C PHE B 317 -5.62 -25.82 11.74
N PRO B 318 -6.80 -26.16 11.23
CA PRO B 318 -7.05 -27.56 10.86
C PRO B 318 -6.15 -27.96 9.71
N GLU B 319 -5.71 -29.21 9.71
CA GLU B 319 -4.77 -29.66 8.68
C GLU B 319 -5.38 -29.58 7.29
N LYS B 320 -6.71 -29.68 7.18
CA LYS B 320 -7.36 -29.59 5.88
C LYS B 320 -7.25 -28.21 5.26
N ILE B 321 -6.80 -27.20 6.00
CA ILE B 321 -6.65 -25.85 5.48
C ILE B 321 -5.28 -25.74 4.83
N THR B 322 -5.26 -25.46 3.53
CA THR B 322 -4.00 -25.40 2.81
C THR B 322 -3.15 -24.23 3.30
N VAL B 323 -1.84 -24.32 3.06
CA VAL B 323 -0.94 -23.23 3.41
C VAL B 323 -1.33 -21.96 2.68
N LYS B 324 -1.74 -22.07 1.42
CA LYS B 324 -2.13 -20.88 0.65
C LYS B 324 -3.32 -20.19 1.30
N GLN B 325 -4.31 -20.97 1.74
CA GLN B 325 -5.45 -20.37 2.43
C GLN B 325 -5.04 -19.75 3.76
N ARG B 326 -4.07 -20.34 4.45
CA ARG B 326 -3.64 -19.79 5.74
C ARG B 326 -3.04 -18.40 5.58
N TYR B 327 -2.17 -18.23 4.59
CA TYR B 327 -1.67 -16.89 4.28
C TYR B 327 -2.82 -15.96 3.92
N ARG B 328 -3.72 -16.42 3.07
CA ARG B 328 -4.85 -15.59 2.65
C ARG B 328 -5.76 -15.26 3.82
N LEU B 329 -6.02 -16.24 4.68
CA LEU B 329 -6.90 -16.01 5.83
C LEU B 329 -6.31 -14.96 6.76
N LEU B 330 -5.00 -14.93 6.90
CA LEU B 330 -4.34 -13.99 7.81
C LEU B 330 -4.05 -12.65 7.16
N GLY B 331 -4.03 -12.59 5.83
CA GLY B 331 -3.58 -11.38 5.16
C GLY B 331 -4.36 -10.13 5.55
N ASN B 332 -5.65 -10.28 5.83
CA ASN B 332 -6.52 -9.16 6.16
C ASN B 332 -6.85 -9.07 7.65
N SER B 333 -6.21 -9.90 8.48
CA SER B 333 -6.57 -9.99 9.89
C SER B 333 -6.16 -8.75 10.67
N LEU B 334 -6.88 -8.49 11.75
CA LEU B 334 -6.50 -7.43 12.69
C LEU B 334 -5.35 -7.90 13.56
N ASN B 335 -4.75 -6.97 14.29
CA ASN B 335 -3.71 -7.31 15.26
C ASN B 335 -4.35 -7.49 16.64
N VAL B 336 -4.30 -8.73 17.15
CA VAL B 336 -4.96 -9.06 18.41
C VAL B 336 -4.41 -8.22 19.55
N HIS B 337 -3.09 -8.00 19.58
CA HIS B 337 -2.49 -7.23 20.67
C HIS B 337 -3.02 -5.80 20.69
N VAL B 338 -3.02 -5.14 19.52
CA VAL B 338 -3.47 -3.74 19.46
C VAL B 338 -4.94 -3.64 19.84
N VAL B 339 -5.77 -4.56 19.34
CA VAL B 339 -7.19 -4.51 19.66
C VAL B 339 -7.41 -4.78 21.15
N ALA B 340 -6.62 -5.70 21.71
CA ALA B 340 -6.82 -6.07 23.12
C ALA B 340 -6.56 -4.90 24.04
N LYS B 341 -5.54 -4.09 23.75
CA LYS B 341 -5.27 -2.93 24.60
C LYS B 341 -6.37 -1.90 24.50
N LEU B 342 -6.90 -1.67 23.30
CA LEU B 342 -8.00 -0.73 23.15
C LEU B 342 -9.23 -1.19 23.93
N ILE B 343 -9.53 -2.49 23.91
CA ILE B 343 -10.64 -3.01 24.69
C ILE B 343 -10.48 -2.64 26.16
N LYS B 344 -9.26 -2.81 26.69
CA LYS B 344 -8.99 -2.40 28.07
C LYS B 344 -9.21 -0.91 28.25
N ILE B 345 -8.65 -0.09 27.35
CA ILE B 345 -8.85 1.36 27.42
C ILE B 345 -10.34 1.69 27.39
N LEU B 346 -11.10 1.01 26.55
CA LEU B 346 -12.52 1.30 26.45
C LEU B 346 -13.26 0.89 27.71
N TYR B 347 -12.86 -0.22 28.33
CA TYR B 347 -13.55 -0.73 29.51
C TYR B 347 -13.11 -0.03 30.80
N GLU B 348 -12.10 0.83 30.74
CA GLU B 348 -11.52 1.45 31.94
C GLU B 348 -10.63 0.46 32.66
#